data_9FCY
#
_entry.id   9FCY
#
_cell.length_a   49.970
_cell.length_b   106.170
_cell.length_c   99.070
_cell.angle_alpha   90.00
_cell.angle_beta   90.25
_cell.angle_gamma   90.00
#
_symmetry.space_group_name_H-M   'P 1 21 1'
#
loop_
_entity.id
_entity.type
_entity.pdbx_description
1 polymer 'SAM-dependent methyltransferase'
2 non-polymer ADENINE
3 non-polymer 'CALCIUM ION'
4 water water
#
_entity_poly.entity_id   1
_entity_poly.type   'polypeptide(L)'
_entity_poly.pdbx_seq_one_letter_code
;GSTYDALKRQLIPSFDLLYGSAVSVVAMSVPATARILDLGAGTGLLGAALRERLPDAELLLQDRSQAMLEQARQRFADDD
QVAIRVADHLDELPAGPFDAVVSALSIHHLEHQDKQDLFTRIRKILRPGGIFVNVEQVLAPTSELEKMYDRQHEAHVLAS
DTPAEEWAAGRERMKHDIPIDVETQIQWLRDAGFTTADCLAKDWRFATYAGWNGS
;
_entity_poly.pdbx_strand_id   A,B,C,D
#
# COMPACT_ATOMS: atom_id res chain seq x y z
N TYR A 4 31.55 -1.54 -4.21
CA TYR A 4 30.44 -1.84 -5.16
C TYR A 4 30.67 -1.12 -6.51
N ASP A 5 31.50 -0.08 -6.55
CA ASP A 5 31.77 0.76 -7.75
C ASP A 5 32.45 -0.06 -8.85
N ALA A 6 33.40 -0.92 -8.48
CA ALA A 6 34.15 -1.82 -9.39
C ALA A 6 33.16 -2.71 -10.15
N LEU A 7 32.21 -3.32 -9.42
CA LEU A 7 31.15 -4.20 -9.99
C LEU A 7 30.32 -3.44 -11.04
N LYS A 8 29.96 -2.18 -10.77
CA LYS A 8 29.13 -1.36 -11.70
C LYS A 8 29.84 -1.27 -13.06
N ARG A 9 31.16 -1.05 -13.07
CA ARG A 9 31.98 -0.90 -14.31
C ARG A 9 32.10 -2.25 -15.02
N GLN A 10 32.12 -3.36 -14.28
CA GLN A 10 32.13 -4.74 -14.83
C GLN A 10 30.79 -5.07 -15.49
N LEU A 11 29.69 -4.52 -14.95
CA LEU A 11 28.31 -4.79 -15.44
C LEU A 11 27.93 -3.83 -16.57
N ILE A 12 28.47 -2.59 -16.60
CA ILE A 12 28.04 -1.53 -17.56
C ILE A 12 29.13 -1.25 -18.59
N PRO A 13 28.96 -1.68 -19.85
CA PRO A 13 29.90 -1.35 -20.93
C PRO A 13 30.00 0.17 -21.14
N SER A 14 31.20 0.66 -21.47
CA SER A 14 31.48 2.07 -21.84
C SER A 14 31.06 3.00 -20.69
N PHE A 15 31.31 2.57 -19.46
CA PHE A 15 30.90 3.32 -18.23
C PHE A 15 31.39 4.78 -18.35
N ASP A 16 32.66 4.98 -18.67
CA ASP A 16 33.31 6.31 -18.70
C ASP A 16 32.73 7.15 -19.85
N LEU A 17 32.53 6.55 -21.02
CA LEU A 17 31.92 7.25 -22.18
C LEU A 17 30.51 7.73 -21.82
N LEU A 18 29.68 6.86 -21.23
CA LEU A 18 28.24 7.15 -21.05
C LEU A 18 28.02 8.12 -19.88
N TYR A 19 28.65 7.90 -18.73
CA TYR A 19 28.56 8.79 -17.55
C TYR A 19 29.29 10.10 -17.86
N GLY A 20 30.46 10.01 -18.51
CA GLY A 20 31.26 11.18 -18.95
C GLY A 20 30.46 12.07 -19.89
N SER A 21 29.71 11.47 -20.82
CA SER A 21 28.86 12.22 -21.79
C SER A 21 27.74 12.96 -21.03
N ALA A 22 27.16 12.34 -20.00
CA ALA A 22 26.07 12.94 -19.18
C ALA A 22 26.62 14.19 -18.47
N VAL A 23 27.80 14.07 -17.84
CA VAL A 23 28.48 15.19 -17.12
C VAL A 23 28.79 16.31 -18.13
N SER A 24 29.36 15.95 -19.28
CA SER A 24 29.83 16.92 -20.30
C SER A 24 28.64 17.72 -20.86
N VAL A 25 27.53 17.03 -21.19
CA VAL A 25 26.37 17.73 -21.81
C VAL A 25 25.73 18.66 -20.76
N VAL A 26 25.71 18.27 -19.48
CA VAL A 26 25.21 19.15 -18.39
C VAL A 26 26.13 20.37 -18.29
N ALA A 27 27.45 20.17 -18.24
CA ALA A 27 28.46 21.25 -18.10
C ALA A 27 28.37 22.25 -19.26
N MET A 28 28.00 21.80 -20.46
CA MET A 28 27.89 22.68 -21.66
C MET A 28 26.51 23.35 -21.74
N SER A 29 25.55 22.95 -20.88
CA SER A 29 24.13 23.38 -20.96
C SER A 29 23.74 24.31 -19.80
N VAL A 30 24.40 24.22 -18.64
CA VAL A 30 23.96 24.92 -17.39
C VAL A 30 25.12 25.68 -16.78
N PRO A 31 24.87 26.73 -15.96
CA PRO A 31 25.93 27.45 -15.28
C PRO A 31 26.63 26.63 -14.19
N ALA A 32 27.79 27.12 -13.75
CA ALA A 32 28.62 26.56 -12.66
C ALA A 32 27.77 26.40 -11.39
N THR A 33 26.83 27.32 -11.16
CA THR A 33 25.98 27.39 -9.94
C THR A 33 24.61 26.75 -10.20
N ALA A 34 24.53 25.82 -11.15
CA ALA A 34 23.28 25.14 -11.56
C ALA A 34 22.64 24.42 -10.36
N ARG A 35 21.31 24.40 -10.33
CA ARG A 35 20.47 23.58 -9.43
C ARG A 35 20.16 22.25 -10.15
N ILE A 36 20.64 21.13 -9.61
CA ILE A 36 20.57 19.80 -10.31
C ILE A 36 19.85 18.79 -9.41
N LEU A 37 18.87 18.09 -9.96
CA LEU A 37 18.21 16.91 -9.32
C LEU A 37 18.80 15.63 -9.94
N ASP A 38 19.40 14.77 -9.12
CA ASP A 38 19.77 13.37 -9.49
C ASP A 38 18.61 12.44 -9.09
N LEU A 39 17.85 11.99 -10.09
CA LEU A 39 16.62 11.19 -9.93
C LEU A 39 16.99 9.70 -9.95
N GLY A 40 16.78 8.98 -8.85
CA GLY A 40 17.26 7.60 -8.67
C GLY A 40 18.77 7.56 -8.55
N ALA A 41 19.31 8.37 -7.64
CA ALA A 41 20.76 8.64 -7.48
C ALA A 41 21.51 7.35 -7.08
N GLY A 42 20.80 6.35 -6.56
CA GLY A 42 21.41 5.13 -6.02
C GLY A 42 22.50 5.47 -5.02
N THR A 43 23.69 4.92 -5.21
CA THR A 43 24.87 5.11 -4.32
C THR A 43 25.62 6.38 -4.72
N GLY A 44 25.12 7.10 -5.72
CA GLY A 44 25.50 8.50 -6.01
C GLY A 44 26.63 8.65 -7.02
N LEU A 45 26.85 7.67 -7.91
CA LEU A 45 27.97 7.72 -8.88
C LEU A 45 27.82 8.92 -9.81
N LEU A 46 26.63 9.13 -10.37
CA LEU A 46 26.40 10.24 -11.34
C LEU A 46 26.50 11.58 -10.60
N GLY A 47 25.86 11.69 -9.44
CA GLY A 47 25.94 12.90 -8.59
C GLY A 47 27.39 13.27 -8.27
N ALA A 48 28.22 12.29 -7.93
CA ALA A 48 29.65 12.50 -7.57
C ALA A 48 30.42 13.01 -8.80
N ALA A 49 30.19 12.40 -9.97
CA ALA A 49 30.86 12.79 -11.23
C ALA A 49 30.47 14.24 -11.60
N LEU A 50 29.21 14.64 -11.36
CA LEU A 50 28.76 16.04 -11.60
C LEU A 50 29.48 16.99 -10.64
N ARG A 51 29.63 16.61 -9.37
CA ARG A 51 30.30 17.46 -8.34
C ARG A 51 31.77 17.68 -8.74
N GLU A 52 32.42 16.63 -9.24
CA GLU A 52 33.84 16.68 -9.71
C GLU A 52 33.97 17.79 -10.77
N ARG A 53 33.03 17.86 -11.71
CA ARG A 53 33.05 18.82 -12.83
C ARG A 53 32.49 20.18 -12.36
N LEU A 54 31.51 20.18 -11.45
CA LEU A 54 30.75 21.40 -11.04
C LEU A 54 30.80 21.57 -9.52
N PRO A 55 31.95 22.04 -8.97
CA PRO A 55 32.11 22.22 -7.53
C PRO A 55 31.03 23.10 -6.86
N ASP A 56 30.44 24.03 -7.60
CA ASP A 56 29.53 25.07 -7.04
C ASP A 56 28.07 24.76 -7.36
N ALA A 57 27.79 23.62 -7.99
CA ALA A 57 26.40 23.22 -8.33
C ALA A 57 25.67 22.84 -7.04
N GLU A 58 24.38 23.19 -6.97
CA GLU A 58 23.44 22.80 -5.89
C GLU A 58 22.85 21.45 -6.28
N LEU A 59 23.22 20.38 -5.58
CA LEU A 59 22.83 18.98 -5.92
C LEU A 59 21.77 18.49 -4.94
N LEU A 60 20.69 17.92 -5.47
CA LEU A 60 19.66 17.18 -4.69
C LEU A 60 19.64 15.75 -5.21
N LEU A 61 19.99 14.79 -4.34
CA LEU A 61 20.02 13.35 -4.66
C LEU A 61 18.71 12.74 -4.17
N GLN A 62 17.95 12.10 -5.07
CA GLN A 62 16.65 11.49 -4.72
C GLN A 62 16.67 9.99 -5.06
N ASP A 63 16.12 9.17 -4.17
CA ASP A 63 15.99 7.71 -4.37
C ASP A 63 14.95 7.18 -3.40
N ARG A 64 14.33 6.04 -3.72
CA ARG A 64 13.34 5.40 -2.81
C ARG A 64 14.07 4.71 -1.64
N SER A 65 15.36 4.41 -1.79
CA SER A 65 16.18 3.60 -0.84
C SER A 65 17.02 4.51 0.06
N GLN A 66 16.73 4.52 1.36
CA GLN A 66 17.54 5.23 2.38
C GLN A 66 18.95 4.60 2.43
N ALA A 67 19.07 3.29 2.28
CA ALA A 67 20.36 2.57 2.35
C ALA A 67 21.28 3.06 1.22
N MET A 68 20.77 3.16 -0.01
CA MET A 68 21.60 3.61 -1.16
C MET A 68 21.97 5.08 -0.98
N LEU A 69 21.03 5.92 -0.51
CA LEU A 69 21.29 7.37 -0.27
C LEU A 69 22.36 7.54 0.83
N GLU A 70 22.40 6.67 1.83
CA GLU A 70 23.44 6.70 2.88
C GLU A 70 24.82 6.48 2.22
N GLN A 71 24.91 5.54 1.27
CA GLN A 71 26.18 5.26 0.55
C GLN A 71 26.51 6.47 -0.35
N ALA A 72 25.48 7.14 -0.88
CA ALA A 72 25.63 8.36 -1.71
C ALA A 72 26.21 9.47 -0.84
N ARG A 73 25.67 9.69 0.36
CA ARG A 73 26.11 10.79 1.24
C ARG A 73 27.58 10.57 1.63
N GLN A 74 28.00 9.31 1.74
CA GLN A 74 29.39 8.93 2.13
C GLN A 74 30.38 9.44 1.07
N ARG A 75 29.99 9.60 -0.20
CA ARG A 75 30.91 10.05 -1.29
C ARG A 75 31.19 11.54 -1.18
N PHE A 76 30.37 12.30 -0.45
CA PHE A 76 30.47 13.78 -0.37
C PHE A 76 31.11 14.17 0.97
N ALA A 77 31.98 15.18 0.96
CA ALA A 77 32.63 15.75 2.17
C ALA A 77 31.54 16.21 3.15
N ASP A 78 31.84 16.22 4.45
CA ASP A 78 30.89 16.55 5.54
C ASP A 78 30.31 17.96 5.31
N ASP A 79 31.10 18.90 4.79
CA ASP A 79 30.72 20.32 4.63
C ASP A 79 30.08 20.55 3.24
N ASP A 80 30.04 19.52 2.37
CA ASP A 80 29.37 19.61 1.04
C ASP A 80 27.88 19.83 1.30
N GLN A 81 27.27 20.78 0.59
CA GLN A 81 25.87 21.23 0.81
C GLN A 81 24.88 20.27 0.14
N VAL A 82 25.34 19.28 -0.63
CA VAL A 82 24.49 18.22 -1.26
C VAL A 82 23.31 17.92 -0.34
N ALA A 83 22.09 17.87 -0.89
CA ALA A 83 20.85 17.52 -0.16
C ALA A 83 20.37 16.15 -0.62
N ILE A 84 19.59 15.48 0.23
CA ILE A 84 19.03 14.11 -0.04
C ILE A 84 17.52 14.14 0.20
N ARG A 85 16.77 13.46 -0.67
CA ARG A 85 15.29 13.29 -0.57
C ARG A 85 14.96 11.82 -0.79
N VAL A 86 14.25 11.21 0.16
CA VAL A 86 13.72 9.83 0.04
C VAL A 86 12.35 9.91 -0.64
N ALA A 87 12.27 9.44 -1.89
CA ALA A 87 11.03 9.47 -2.71
C ALA A 87 11.19 8.53 -3.92
N ASP A 88 10.07 7.93 -4.32
CA ASP A 88 9.92 7.10 -5.54
C ASP A 88 9.82 8.02 -6.75
N HIS A 89 10.15 7.53 -7.95
CA HIS A 89 9.94 8.22 -9.25
C HIS A 89 8.47 8.61 -9.41
N LEU A 90 7.54 7.78 -8.91
CA LEU A 90 6.07 7.97 -9.09
C LEU A 90 5.53 8.98 -8.07
N ASP A 91 6.30 9.38 -7.06
CA ASP A 91 5.89 10.41 -6.07
C ASP A 91 5.99 11.79 -6.74
N GLU A 92 5.35 12.79 -6.14
CA GLU A 92 5.46 14.20 -6.58
C GLU A 92 6.94 14.59 -6.60
N LEU A 93 7.41 15.22 -7.67
CA LEU A 93 8.82 15.67 -7.78
C LEU A 93 9.03 16.89 -6.87
N PRO A 94 10.27 17.19 -6.45
CA PRO A 94 10.55 18.41 -5.71
C PRO A 94 10.28 19.62 -6.62
N ALA A 95 9.85 20.73 -6.02
CA ALA A 95 9.30 21.93 -6.72
C ALA A 95 10.34 22.52 -7.68
N GLY A 96 11.61 22.60 -7.26
CA GLY A 96 12.63 23.34 -8.03
C GLY A 96 12.32 24.83 -8.05
N PRO A 97 12.66 25.60 -9.12
CA PRO A 97 13.04 25.05 -10.41
C PRO A 97 14.45 24.44 -10.43
N PHE A 98 14.74 23.62 -11.44
CA PHE A 98 16.08 23.02 -11.67
C PHE A 98 16.60 23.46 -13.03
N ASP A 99 17.92 23.59 -13.13
CA ASP A 99 18.66 23.81 -14.40
C ASP A 99 18.81 22.47 -15.11
N ALA A 100 18.98 21.39 -14.34
CA ALA A 100 19.18 20.03 -14.89
C ALA A 100 18.51 18.99 -14.00
N VAL A 101 17.93 17.97 -14.63
CA VAL A 101 17.45 16.74 -13.98
C VAL A 101 18.20 15.60 -14.66
N VAL A 102 18.90 14.76 -13.90
CA VAL A 102 19.71 13.64 -14.45
C VAL A 102 19.24 12.34 -13.82
N SER A 103 19.42 11.23 -14.54
CA SER A 103 19.06 9.89 -14.06
C SER A 103 20.02 8.89 -14.71
N ALA A 104 20.35 7.82 -14.00
CA ALA A 104 21.16 6.71 -14.55
C ALA A 104 20.55 5.37 -14.13
N LEU A 105 20.12 4.59 -15.13
CA LEU A 105 19.83 3.14 -15.00
C LEU A 105 18.69 2.90 -13.99
N SER A 106 17.65 3.74 -14.04
CA SER A 106 16.53 3.76 -13.08
C SER A 106 15.18 3.72 -13.82
N ILE A 107 15.01 4.58 -14.81
CA ILE A 107 13.67 4.83 -15.44
C ILE A 107 13.21 3.59 -16.23
N HIS A 108 14.12 2.72 -16.66
CA HIS A 108 13.80 1.43 -17.36
C HIS A 108 13.03 0.46 -16.43
N HIS A 109 12.95 0.73 -15.12
CA HIS A 109 12.14 -0.08 -14.17
C HIS A 109 10.65 0.31 -14.23
N LEU A 110 10.32 1.48 -14.78
CA LEU A 110 8.92 2.00 -14.81
C LEU A 110 8.15 1.41 -15.99
N GLU A 111 6.83 1.22 -15.84
CA GLU A 111 5.89 0.93 -16.96
C GLU A 111 6.02 2.07 -17.98
N HIS A 112 5.82 1.79 -19.27
CA HIS A 112 6.01 2.77 -20.38
C HIS A 112 5.16 4.02 -20.13
N GLN A 113 3.92 3.84 -19.67
CA GLN A 113 2.96 4.95 -19.41
C GLN A 113 3.53 5.84 -18.29
N ASP A 114 4.21 5.22 -17.32
CA ASP A 114 4.80 5.96 -16.16
C ASP A 114 6.06 6.70 -16.62
N LYS A 115 6.83 6.13 -17.55
CA LYS A 115 8.01 6.81 -18.17
C LYS A 115 7.53 8.13 -18.80
N GLN A 116 6.48 8.06 -19.63
CA GLN A 116 5.94 9.21 -20.40
C GLN A 116 5.45 10.28 -19.41
N ASP A 117 4.66 9.88 -18.41
CA ASP A 117 4.15 10.79 -17.36
C ASP A 117 5.34 11.43 -16.63
N LEU A 118 6.37 10.65 -16.29
CA LEU A 118 7.59 11.17 -15.60
C LEU A 118 8.24 12.26 -16.47
N PHE A 119 8.40 12.02 -17.78
CA PHE A 119 9.04 13.01 -18.69
C PHE A 119 8.26 14.35 -18.64
N THR A 120 6.93 14.30 -18.62
CA THR A 120 6.05 15.51 -18.52
C THR A 120 6.32 16.21 -17.17
N ARG A 121 6.35 15.46 -16.09
CA ARG A 121 6.53 16.00 -14.71
C ARG A 121 7.94 16.59 -14.58
N ILE A 122 8.95 16.00 -15.20
CA ILE A 122 10.34 16.54 -15.18
C ILE A 122 10.36 17.88 -15.93
N ARG A 123 9.76 17.96 -17.11
CA ARG A 123 9.77 19.23 -17.89
C ARG A 123 9.17 20.36 -17.05
N LYS A 124 8.14 20.07 -16.25
CA LYS A 124 7.43 21.06 -15.39
C LYS A 124 8.34 21.63 -14.29
N ILE A 125 9.37 20.92 -13.84
CA ILE A 125 10.27 21.43 -12.75
C ILE A 125 11.56 22.01 -13.36
N LEU A 126 11.75 21.94 -14.68
CA LEU A 126 12.95 22.51 -15.37
C LEU A 126 12.68 23.97 -15.73
N ARG A 127 13.68 24.83 -15.56
CA ARG A 127 13.64 26.23 -16.08
C ARG A 127 13.59 26.17 -17.60
N PRO A 128 13.16 27.24 -18.28
CA PRO A 128 13.29 27.33 -19.73
C PRO A 128 14.75 27.09 -20.17
N GLY A 129 14.95 26.24 -21.18
CA GLY A 129 16.29 25.83 -21.67
C GLY A 129 16.94 24.78 -20.80
N GLY A 130 16.28 24.35 -19.71
CA GLY A 130 16.80 23.32 -18.79
C GLY A 130 16.97 21.99 -19.50
N ILE A 131 17.78 21.10 -18.94
CA ILE A 131 18.17 19.83 -19.60
C ILE A 131 17.75 18.66 -18.71
N PHE A 132 17.25 17.60 -19.35
CA PHE A 132 17.08 16.26 -18.76
C PHE A 132 18.09 15.32 -19.45
N VAL A 133 18.85 14.56 -18.66
CA VAL A 133 19.84 13.58 -19.17
C VAL A 133 19.53 12.22 -18.53
N ASN A 134 19.47 11.17 -19.35
CA ASN A 134 19.30 9.78 -18.89
C ASN A 134 20.45 8.93 -19.42
N VAL A 135 21.19 8.28 -18.52
CA VAL A 135 22.14 7.17 -18.87
C VAL A 135 21.33 5.89 -18.67
N GLU A 136 20.99 5.19 -19.75
CA GLU A 136 19.86 4.23 -19.71
C GLU A 136 20.23 2.89 -20.34
N GLN A 137 19.62 1.84 -19.81
CA GLN A 137 19.55 0.50 -20.45
C GLN A 137 18.40 0.52 -21.46
N VAL A 138 18.70 0.25 -22.72
CA VAL A 138 17.73 0.38 -23.84
C VAL A 138 17.56 -0.99 -24.50
N LEU A 139 16.37 -1.22 -25.05
CA LEU A 139 16.01 -2.42 -25.85
C LEU A 139 16.48 -2.18 -27.29
N ALA A 140 16.89 -3.23 -27.99
CA ALA A 140 17.09 -3.20 -29.45
C ALA A 140 15.73 -2.99 -30.11
N PRO A 141 15.67 -2.43 -31.33
CA PRO A 141 14.39 -2.28 -32.04
C PRO A 141 13.74 -3.55 -32.60
N THR A 142 14.46 -4.69 -32.64
CA THR A 142 13.90 -6.01 -33.05
C THR A 142 14.42 -7.10 -32.12
N SER A 143 13.70 -8.21 -32.00
CA SER A 143 14.09 -9.38 -31.16
C SER A 143 15.44 -9.94 -31.66
N GLU A 144 15.67 -9.92 -32.98
CA GLU A 144 16.94 -10.40 -33.59
C GLU A 144 18.10 -9.50 -33.16
N LEU A 145 17.94 -8.17 -33.22
CA LEU A 145 19.01 -7.25 -32.73
C LEU A 145 19.14 -7.36 -31.21
N GLU A 146 18.06 -7.64 -30.47
CA GLU A 146 18.12 -7.77 -28.99
C GLU A 146 19.08 -8.91 -28.62
N LYS A 147 19.06 -10.01 -29.36
CA LYS A 147 20.00 -11.13 -29.15
C LYS A 147 21.44 -10.62 -29.32
N MET A 148 21.70 -9.79 -30.34
CA MET A 148 23.06 -9.24 -30.60
C MET A 148 23.45 -8.27 -29.48
N TYR A 149 22.54 -7.41 -29.03
CA TYR A 149 22.75 -6.51 -27.87
C TYR A 149 23.16 -7.36 -26.65
N ASP A 150 22.47 -8.48 -26.43
CA ASP A 150 22.69 -9.37 -25.26
C ASP A 150 24.09 -10.00 -25.36
N ARG A 151 24.47 -10.52 -26.52
CA ARG A 151 25.82 -11.09 -26.78
C ARG A 151 26.90 -10.03 -26.49
N GLN A 152 26.69 -8.79 -26.93
CA GLN A 152 27.68 -7.69 -26.74
C GLN A 152 27.80 -7.34 -25.25
N HIS A 153 26.69 -7.32 -24.52
CA HIS A 153 26.69 -7.03 -23.06
C HIS A 153 27.46 -8.16 -22.35
N GLU A 154 27.14 -9.41 -22.65
CA GLU A 154 27.79 -10.59 -22.01
C GLU A 154 29.29 -10.58 -22.33
N ALA A 155 29.67 -10.23 -23.56
CA ALA A 155 31.08 -10.14 -23.99
C ALA A 155 31.85 -9.17 -23.08
N HIS A 156 31.27 -8.00 -22.77
CA HIS A 156 31.87 -7.02 -21.82
C HIS A 156 31.99 -7.64 -20.43
N VAL A 157 30.90 -8.21 -19.90
CA VAL A 157 30.81 -8.78 -18.52
C VAL A 157 31.88 -9.86 -18.36
N LEU A 158 32.00 -10.77 -19.34
CA LEU A 158 32.98 -11.89 -19.30
C LEU A 158 34.40 -11.32 -19.38
N ALA A 159 34.65 -10.32 -20.23
CA ALA A 159 35.99 -9.74 -20.47
C ALA A 159 36.42 -8.85 -19.29
N SER A 160 35.49 -8.45 -18.40
CA SER A 160 35.78 -7.67 -17.17
C SER A 160 36.08 -8.61 -15.99
N ASP A 161 36.01 -9.93 -16.22
CA ASP A 161 36.24 -11.00 -15.20
C ASP A 161 35.25 -10.82 -14.04
N THR A 162 33.97 -10.64 -14.37
CA THR A 162 32.86 -10.47 -13.39
C THR A 162 32.63 -11.79 -12.66
N PRO A 163 32.59 -11.80 -11.31
CA PRO A 163 32.21 -13.01 -10.57
C PRO A 163 30.92 -13.63 -11.13
N ALA A 164 30.91 -14.96 -11.32
CA ALA A 164 29.80 -15.72 -11.95
C ALA A 164 28.48 -15.46 -11.21
N GLU A 165 28.52 -15.44 -9.87
CA GLU A 165 27.32 -15.21 -9.00
C GLU A 165 26.81 -13.77 -9.16
N GLU A 166 27.68 -12.79 -9.43
CA GLU A 166 27.29 -11.37 -9.61
C GLU A 166 26.57 -11.19 -10.95
N TRP A 167 26.99 -11.93 -11.99
CA TRP A 167 26.32 -11.91 -13.32
C TRP A 167 24.98 -12.64 -13.22
N ALA A 168 24.93 -13.75 -12.48
CA ALA A 168 23.70 -14.53 -12.18
C ALA A 168 22.67 -13.62 -11.50
N ALA A 169 23.11 -12.87 -10.47
CA ALA A 169 22.29 -11.88 -9.73
C ALA A 169 21.80 -10.80 -10.70
N GLY A 170 22.69 -10.30 -11.57
CA GLY A 170 22.39 -9.30 -12.61
C GLY A 170 21.28 -9.77 -13.53
N ARG A 171 21.38 -11.02 -14.03
CA ARG A 171 20.37 -11.65 -14.92
C ARG A 171 19.01 -11.71 -14.20
N GLU A 172 19.01 -12.04 -12.90
CA GLU A 172 17.78 -12.15 -12.06
C GLU A 172 17.11 -10.78 -11.98
N ARG A 173 17.88 -9.73 -11.66
CA ARG A 173 17.39 -8.32 -11.57
C ARG A 173 16.84 -7.87 -12.92
N MET A 174 17.40 -8.34 -14.03
CA MET A 174 17.02 -7.90 -15.41
C MET A 174 15.67 -8.50 -15.82
N LYS A 175 15.14 -9.49 -15.09
CA LYS A 175 13.77 -10.02 -15.33
C LYS A 175 12.72 -8.95 -14.96
N HIS A 176 13.08 -7.97 -14.14
CA HIS A 176 12.19 -6.86 -13.68
C HIS A 176 12.38 -5.60 -14.55
N ASP A 177 13.26 -5.62 -15.55
CA ASP A 177 13.49 -4.46 -16.45
C ASP A 177 12.31 -4.32 -17.43
N ILE A 178 11.94 -3.08 -17.77
CA ILE A 178 10.94 -2.77 -18.82
C ILE A 178 11.57 -1.77 -19.79
N PRO A 179 12.66 -2.16 -20.49
CA PRO A 179 13.37 -1.23 -21.37
C PRO A 179 12.59 -1.03 -22.67
N ILE A 180 12.85 0.08 -23.34
CA ILE A 180 12.33 0.35 -24.71
C ILE A 180 13.51 0.87 -25.52
N ASP A 181 13.41 0.92 -26.85
CA ASP A 181 14.53 1.34 -27.72
C ASP A 181 14.78 2.84 -27.53
N VAL A 182 15.99 3.29 -27.84
CA VAL A 182 16.42 4.67 -27.46
C VAL A 182 15.60 5.68 -28.28
N GLU A 183 15.33 5.39 -29.55
CA GLU A 183 14.63 6.33 -30.47
C GLU A 183 13.18 6.52 -29.98
N THR A 184 12.51 5.48 -29.46
CA THR A 184 11.12 5.60 -28.94
C THR A 184 11.11 6.53 -27.73
N GLN A 185 12.03 6.37 -26.76
CA GLN A 185 11.96 7.17 -25.51
C GLN A 185 12.45 8.60 -25.79
N ILE A 186 13.36 8.78 -26.77
CA ILE A 186 13.74 10.14 -27.26
C ILE A 186 12.48 10.80 -27.85
N GLN A 187 11.67 10.09 -28.63
CA GLN A 187 10.42 10.65 -29.20
C GLN A 187 9.46 11.02 -28.06
N TRP A 188 9.43 10.22 -26.98
CA TRP A 188 8.55 10.50 -25.81
C TRP A 188 8.98 11.82 -25.14
N LEU A 189 10.26 12.17 -25.17
CA LEU A 189 10.73 13.49 -24.68
C LEU A 189 10.08 14.59 -25.52
N ARG A 190 10.11 14.45 -26.84
CA ARG A 190 9.50 15.44 -27.77
C ARG A 190 8.00 15.52 -27.47
N ASP A 191 7.33 14.38 -27.29
CA ASP A 191 5.88 14.29 -26.97
C ASP A 191 5.60 15.04 -25.67
N ALA A 192 6.52 14.99 -24.70
CA ALA A 192 6.36 15.64 -23.37
C ALA A 192 6.63 17.15 -23.47
N GLY A 193 7.13 17.63 -24.62
CA GLY A 193 7.30 19.07 -24.89
C GLY A 193 8.75 19.52 -24.84
N PHE A 194 9.72 18.60 -24.74
CA PHE A 194 11.15 18.94 -24.94
C PHE A 194 11.32 19.29 -26.42
N THR A 195 11.91 20.45 -26.71
CA THR A 195 11.94 21.05 -28.06
C THR A 195 13.12 20.49 -28.85
N THR A 196 14.17 20.02 -28.16
CA THR A 196 15.29 19.25 -28.77
C THR A 196 15.54 17.99 -27.94
N ALA A 197 15.80 16.86 -28.60
CA ALA A 197 16.24 15.62 -27.92
C ALA A 197 17.22 14.89 -28.83
N ASP A 198 18.23 14.25 -28.25
CA ASP A 198 19.34 13.64 -29.00
C ASP A 198 19.93 12.47 -28.22
N CYS A 199 20.38 11.43 -28.94
CA CYS A 199 21.27 10.38 -28.39
C CYS A 199 22.72 10.85 -28.54
N LEU A 200 23.40 11.09 -27.42
CA LEU A 200 24.78 11.66 -27.39
C LEU A 200 25.81 10.54 -27.57
N ALA A 201 25.63 9.43 -26.86
CA ALA A 201 26.59 8.30 -26.84
C ALA A 201 25.82 6.99 -26.66
N LYS A 202 26.35 5.90 -27.21
CA LYS A 202 25.65 4.58 -27.19
C LYS A 202 26.70 3.48 -27.31
N ASP A 203 26.52 2.42 -26.54
CA ASP A 203 27.26 1.13 -26.65
C ASP A 203 26.23 0.02 -26.59
N TRP A 204 25.61 -0.27 -27.73
CA TRP A 204 24.58 -1.33 -27.90
C TRP A 204 23.48 -1.13 -26.85
N ARG A 205 23.44 -1.92 -25.77
CA ARG A 205 22.32 -1.95 -24.79
C ARG A 205 22.29 -0.67 -23.94
N PHE A 206 23.36 0.12 -23.93
CA PHE A 206 23.46 1.29 -23.00
C PHE A 206 23.65 2.58 -23.79
N ALA A 207 22.96 3.64 -23.38
CA ALA A 207 22.94 4.92 -24.13
C ALA A 207 22.74 6.09 -23.18
N THR A 208 23.36 7.22 -23.51
CA THR A 208 23.12 8.53 -22.86
C THR A 208 22.34 9.41 -23.83
N TYR A 209 21.13 9.81 -23.44
CA TYR A 209 20.32 10.75 -24.26
C TYR A 209 19.90 11.93 -23.38
N ALA A 210 19.48 13.00 -24.04
CA ALA A 210 19.14 14.28 -23.39
C ALA A 210 17.98 14.94 -24.13
N GLY A 211 17.20 15.70 -23.38
CA GLY A 211 16.20 16.64 -23.92
C GLY A 211 16.39 18.02 -23.30
N TRP A 212 16.10 19.06 -24.09
CA TRP A 212 16.18 20.48 -23.66
C TRP A 212 14.77 21.06 -23.65
N ASN A 213 14.42 21.78 -22.58
CA ASN A 213 13.07 22.35 -22.37
C ASN A 213 12.81 23.47 -23.40
N GLY A 214 13.86 24.15 -23.86
CA GLY A 214 13.75 25.26 -24.84
C GLY A 214 15.03 25.46 -25.64
N THR B 3 -5.16 14.74 -35.14
CA THR B 3 -5.96 15.00 -33.91
C THR B 3 -6.46 13.66 -33.34
N TYR B 4 -6.46 13.52 -32.01
CA TYR B 4 -6.93 12.31 -31.27
C TYR B 4 -8.46 12.33 -31.15
N ASP B 5 -9.09 13.45 -31.51
CA ASP B 5 -10.57 13.66 -31.52
C ASP B 5 -11.24 12.71 -32.53
N ALA B 6 -10.68 12.61 -33.73
CA ALA B 6 -11.17 11.74 -34.83
C ALA B 6 -11.06 10.27 -34.41
N LEU B 7 -9.99 9.90 -33.70
CA LEU B 7 -9.73 8.51 -33.22
C LEU B 7 -10.78 8.09 -32.20
N LYS B 8 -11.20 9.01 -31.31
CA LYS B 8 -12.19 8.72 -30.23
C LYS B 8 -13.54 8.38 -30.86
N ARG B 9 -13.94 9.10 -31.91
CA ARG B 9 -15.22 8.90 -32.65
C ARG B 9 -15.17 7.58 -33.44
N GLN B 10 -14.00 7.22 -33.97
CA GLN B 10 -13.75 5.93 -34.66
C GLN B 10 -13.83 4.76 -33.65
N LEU B 11 -13.31 4.96 -32.43
CA LEU B 11 -13.20 3.89 -31.40
C LEU B 11 -14.51 3.78 -30.61
N ILE B 12 -15.27 4.87 -30.50
CA ILE B 12 -16.47 4.95 -29.60
C ILE B 12 -17.74 5.07 -30.45
N PRO B 13 -18.56 3.99 -30.50
CA PRO B 13 -19.88 4.07 -31.12
C PRO B 13 -20.77 5.14 -30.49
N SER B 14 -21.53 5.87 -31.32
CA SER B 14 -22.58 6.83 -30.91
C SER B 14 -21.96 7.94 -30.05
N PHE B 15 -20.72 8.33 -30.36
CA PHE B 15 -19.98 9.37 -29.60
C PHE B 15 -20.85 10.60 -29.43
N ASP B 16 -21.48 11.08 -30.51
CA ASP B 16 -22.30 12.32 -30.50
C ASP B 16 -23.53 12.14 -29.60
N LEU B 17 -24.20 10.99 -29.68
CA LEU B 17 -25.39 10.68 -28.85
C LEU B 17 -24.98 10.61 -27.37
N LEU B 18 -23.91 9.89 -27.05
CA LEU B 18 -23.54 9.60 -25.65
C LEU B 18 -22.95 10.85 -24.98
N TYR B 19 -21.99 11.54 -25.59
CA TYR B 19 -21.42 12.79 -25.03
C TYR B 19 -22.48 13.90 -25.06
N GLY B 20 -23.24 13.99 -26.16
CA GLY B 20 -24.33 14.96 -26.33
C GLY B 20 -25.37 14.80 -25.24
N SER B 21 -25.74 13.56 -24.91
CA SER B 21 -26.69 13.24 -23.83
C SER B 21 -26.16 13.75 -22.48
N ALA B 22 -24.87 13.58 -22.21
CA ALA B 22 -24.22 13.99 -20.94
C ALA B 22 -24.32 15.51 -20.81
N VAL B 23 -23.98 16.25 -21.86
CA VAL B 23 -24.05 17.75 -21.89
C VAL B 23 -25.50 18.19 -21.68
N SER B 24 -26.45 17.56 -22.39
CA SER B 24 -27.89 17.93 -22.37
C SER B 24 -28.48 17.69 -20.98
N VAL B 25 -28.19 16.56 -20.33
CA VAL B 25 -28.80 16.25 -19.00
C VAL B 25 -28.23 17.22 -17.95
N VAL B 26 -26.96 17.62 -18.08
CA VAL B 26 -26.35 18.63 -17.17
C VAL B 26 -27.05 19.98 -17.40
N ALA B 27 -27.17 20.42 -18.65
CA ALA B 27 -27.78 21.71 -19.04
C ALA B 27 -29.24 21.80 -18.52
N MET B 28 -29.96 20.69 -18.46
CA MET B 28 -31.38 20.65 -17.98
C MET B 28 -31.45 20.48 -16.46
N SER B 29 -30.32 20.26 -15.77
CA SER B 29 -30.28 19.92 -14.32
C SER B 29 -29.64 21.04 -13.47
N VAL B 30 -28.74 21.85 -14.03
CA VAL B 30 -27.94 22.85 -13.24
C VAL B 30 -28.05 24.22 -13.90
N PRO B 31 -27.81 25.31 -13.15
CA PRO B 31 -27.83 26.65 -13.73
C PRO B 31 -26.66 26.94 -14.67
N ALA B 32 -26.78 28.01 -15.45
CA ALA B 32 -25.74 28.55 -16.37
C ALA B 32 -24.40 28.72 -15.65
N THR B 33 -24.43 29.11 -14.37
CA THR B 33 -23.25 29.43 -13.54
C THR B 33 -22.84 28.23 -12.68
N ALA B 34 -23.23 27.02 -13.09
CA ALA B 34 -22.95 25.75 -12.36
C ALA B 34 -21.45 25.62 -12.05
N ARG B 35 -21.14 25.01 -10.91
CA ARG B 35 -19.79 24.55 -10.54
C ARG B 35 -19.69 23.07 -10.94
N ILE B 36 -18.80 22.73 -11.88
CA ILE B 36 -18.74 21.36 -12.48
C ILE B 36 -17.33 20.78 -12.26
N LEU B 37 -17.27 19.54 -11.78
CA LEU B 37 -16.03 18.73 -11.71
C LEU B 37 -16.08 17.70 -12.85
N ASP B 38 -15.08 17.72 -13.74
CA ASP B 38 -14.82 16.66 -14.76
C ASP B 38 -13.79 15.68 -14.16
N LEU B 39 -14.25 14.53 -13.72
CA LEU B 39 -13.44 13.46 -13.05
C LEU B 39 -12.86 12.54 -14.12
N GLY B 40 -11.52 12.48 -14.22
CA GLY B 40 -10.79 11.79 -15.30
C GLY B 40 -10.98 12.50 -16.62
N ALA B 41 -10.69 13.80 -16.67
CA ALA B 41 -10.98 14.70 -17.81
C ALA B 41 -10.21 14.31 -19.07
N GLY B 42 -9.11 13.56 -18.93
CA GLY B 42 -8.19 13.25 -20.05
C GLY B 42 -7.78 14.52 -20.77
N THR B 43 -7.91 14.54 -22.10
CA THR B 43 -7.53 15.70 -22.95
C THR B 43 -8.68 16.72 -23.01
N GLY B 44 -9.74 16.50 -22.23
CA GLY B 44 -10.77 17.52 -21.92
C GLY B 44 -11.93 17.56 -22.90
N LEU B 45 -12.23 16.46 -23.59
CA LEU B 45 -13.32 16.40 -24.61
C LEU B 45 -14.67 16.75 -23.96
N LEU B 46 -15.00 16.14 -22.83
CA LEU B 46 -16.32 16.32 -22.19
C LEU B 46 -16.38 17.73 -21.57
N GLY B 47 -15.30 18.17 -20.91
CA GLY B 47 -15.14 19.54 -20.40
C GLY B 47 -15.39 20.60 -21.46
N ALA B 48 -14.75 20.46 -22.63
CA ALA B 48 -14.90 21.38 -23.79
C ALA B 48 -16.35 21.40 -24.28
N ALA B 49 -17.02 20.24 -24.35
CA ALA B 49 -18.42 20.11 -24.81
C ALA B 49 -19.36 20.85 -23.83
N LEU B 50 -19.12 20.70 -22.53
CA LEU B 50 -19.88 21.42 -21.47
C LEU B 50 -19.66 22.93 -21.61
N ARG B 51 -18.42 23.38 -21.86
CA ARG B 51 -18.08 24.82 -22.04
C ARG B 51 -18.84 25.39 -23.25
N GLU B 52 -18.87 24.68 -24.38
CA GLU B 52 -19.63 25.12 -25.58
C GLU B 52 -21.09 25.39 -25.19
N ARG B 53 -21.70 24.52 -24.37
CA ARG B 53 -23.11 24.65 -23.95
C ARG B 53 -23.24 25.67 -22.80
N LEU B 54 -22.25 25.75 -21.90
CA LEU B 54 -22.33 26.54 -20.64
C LEU B 54 -21.12 27.47 -20.53
N PRO B 55 -21.13 28.63 -21.24
CA PRO B 55 -19.99 29.55 -21.22
C PRO B 55 -19.63 30.12 -19.84
N ASP B 56 -20.59 30.16 -18.91
CA ASP B 56 -20.45 30.84 -17.60
C ASP B 56 -20.24 29.81 -16.48
N ALA B 57 -20.22 28.50 -16.80
CA ALA B 57 -19.96 27.43 -15.81
C ALA B 57 -18.50 27.53 -15.33
N GLU B 58 -18.28 27.31 -14.03
CA GLU B 58 -16.91 27.12 -13.46
C GLU B 58 -16.55 25.64 -13.62
N LEU B 59 -15.48 25.34 -14.37
CA LEU B 59 -15.06 23.96 -14.67
C LEU B 59 -13.75 23.68 -13.94
N LEU B 60 -13.71 22.58 -13.19
CA LEU B 60 -12.48 21.97 -12.64
C LEU B 60 -12.27 20.63 -13.34
N LEU B 61 -11.16 20.51 -14.09
CA LEU B 61 -10.78 19.25 -14.78
C LEU B 61 -9.77 18.53 -13.90
N GLN B 62 -10.04 17.26 -13.58
CA GLN B 62 -9.16 16.44 -12.72
C GLN B 62 -8.75 15.18 -13.47
N ASP B 63 -7.47 14.82 -13.38
CA ASP B 63 -6.93 13.58 -13.99
C ASP B 63 -5.61 13.23 -13.28
N ARG B 64 -5.23 11.96 -13.29
CA ARG B 64 -3.95 11.48 -12.70
C ARG B 64 -2.78 11.88 -13.60
N SER B 65 -3.01 12.16 -14.89
CA SER B 65 -1.95 12.40 -15.91
C SER B 65 -1.82 13.90 -16.22
N GLN B 66 -0.66 14.49 -15.88
CA GLN B 66 -0.32 15.91 -16.18
C GLN B 66 -0.27 16.11 -17.70
N ALA B 67 0.19 15.11 -18.45
CA ALA B 67 0.30 15.15 -19.93
C ALA B 67 -1.08 15.34 -20.56
N MET B 68 -2.08 14.57 -20.09
CA MET B 68 -3.48 14.66 -20.59
C MET B 68 -3.99 16.09 -20.32
N LEU B 69 -3.78 16.59 -19.10
CA LEU B 69 -4.34 17.90 -18.65
C LEU B 69 -3.68 19.05 -19.40
N GLU B 70 -2.41 18.93 -19.77
CA GLU B 70 -1.72 19.93 -20.63
C GLU B 70 -2.43 20.02 -21.98
N GLN B 71 -2.85 18.89 -22.56
CA GLN B 71 -3.65 18.86 -23.82
C GLN B 71 -5.04 19.47 -23.57
N ALA B 72 -5.62 19.21 -22.39
CA ALA B 72 -6.98 19.69 -22.01
C ALA B 72 -7.01 21.22 -22.02
N ARG B 73 -6.05 21.86 -21.36
CA ARG B 73 -6.01 23.34 -21.20
C ARG B 73 -6.07 24.00 -22.58
N GLN B 74 -5.43 23.40 -23.59
CA GLN B 74 -5.26 23.99 -24.94
C GLN B 74 -6.60 24.03 -25.68
N ARG B 75 -7.62 23.29 -25.22
CA ARG B 75 -8.98 23.31 -25.83
C ARG B 75 -9.76 24.56 -25.38
N PHE B 76 -9.24 25.31 -24.41
CA PHE B 76 -9.92 26.48 -23.78
C PHE B 76 -9.14 27.75 -24.09
N ALA B 77 -9.85 28.87 -24.28
CA ALA B 77 -9.28 30.21 -24.55
C ALA B 77 -8.29 30.59 -23.44
N ASP B 78 -7.33 31.46 -23.76
CA ASP B 78 -6.31 31.99 -22.80
C ASP B 78 -7.00 32.52 -21.55
N ASP B 79 -8.10 33.27 -21.71
CA ASP B 79 -8.77 34.01 -20.61
C ASP B 79 -9.87 33.15 -19.95
N ASP B 80 -10.11 31.92 -20.42
CA ASP B 80 -11.08 30.98 -19.82
C ASP B 80 -10.63 30.65 -18.38
N GLN B 81 -11.56 30.61 -17.42
CA GLN B 81 -11.25 30.49 -15.97
C GLN B 81 -11.15 29.02 -15.55
N VAL B 82 -11.33 28.08 -16.47
CA VAL B 82 -11.17 26.61 -16.26
C VAL B 82 -9.98 26.35 -15.33
N ALA B 83 -10.16 25.51 -14.32
CA ALA B 83 -9.12 25.10 -13.34
C ALA B 83 -8.71 23.64 -13.62
N ILE B 84 -7.48 23.28 -13.24
CA ILE B 84 -6.89 21.92 -13.42
C ILE B 84 -6.46 21.40 -12.04
N ARG B 85 -6.69 20.12 -11.78
CA ARG B 85 -6.19 19.41 -10.56
C ARG B 85 -5.62 18.06 -11.01
N VAL B 86 -4.39 17.78 -10.59
CA VAL B 86 -3.74 16.45 -10.79
C VAL B 86 -4.09 15.59 -9.57
N ALA B 87 -4.88 14.53 -9.77
CA ALA B 87 -5.33 13.61 -8.70
C ALA B 87 -5.91 12.34 -9.31
N ASP B 88 -5.68 11.22 -8.61
CA ASP B 88 -6.30 9.89 -8.88
C ASP B 88 -7.74 9.91 -8.38
N HIS B 89 -8.60 9.07 -8.96
CA HIS B 89 -10.00 8.84 -8.49
C HIS B 89 -10.01 8.40 -7.02
N LEU B 90 -8.97 7.67 -6.59
CA LEU B 90 -8.88 7.09 -5.22
C LEU B 90 -8.35 8.14 -4.23
N ASP B 91 -7.85 9.28 -4.71
CA ASP B 91 -7.45 10.42 -3.84
C ASP B 91 -8.71 11.12 -3.31
N GLU B 92 -8.56 11.86 -2.22
CA GLU B 92 -9.62 12.75 -1.68
C GLU B 92 -10.13 13.64 -2.81
N LEU B 93 -11.45 13.73 -2.99
CA LEU B 93 -12.07 14.62 -4.00
C LEU B 93 -11.92 16.07 -3.56
N PRO B 94 -11.97 17.04 -4.50
CA PRO B 94 -11.98 18.45 -4.13
C PRO B 94 -13.28 18.75 -3.34
N ALA B 95 -13.21 19.72 -2.42
CA ALA B 95 -14.25 20.00 -1.40
C ALA B 95 -15.58 20.38 -2.06
N GLY B 96 -15.55 21.17 -3.12
CA GLY B 96 -16.78 21.77 -3.68
C GLY B 96 -17.45 22.69 -2.66
N PRO B 97 -18.78 22.89 -2.68
CA PRO B 97 -19.72 22.00 -3.36
C PRO B 97 -19.77 22.15 -4.88
N PHE B 98 -20.24 21.09 -5.57
CA PHE B 98 -20.45 21.08 -7.04
C PHE B 98 -21.95 20.92 -7.34
N ASP B 99 -22.39 21.54 -8.42
CA ASP B 99 -23.75 21.33 -9.00
C ASP B 99 -23.74 20.05 -9.82
N ALA B 100 -22.61 19.73 -10.47
CA ALA B 100 -22.48 18.54 -11.33
C ALA B 100 -21.08 17.94 -11.18
N VAL B 101 -21.02 16.61 -11.21
CA VAL B 101 -19.76 15.82 -11.36
C VAL B 101 -19.97 14.92 -12.57
N VAL B 102 -19.06 15.02 -13.54
CA VAL B 102 -19.16 14.28 -14.83
C VAL B 102 -17.89 13.46 -15.02
N SER B 103 -18.02 12.32 -15.68
CA SER B 103 -16.87 11.42 -15.98
C SER B 103 -17.15 10.75 -17.32
N ALA B 104 -16.10 10.43 -18.06
CA ALA B 104 -16.24 9.71 -19.35
C ALA B 104 -15.13 8.67 -19.47
N LEU B 105 -15.52 7.40 -19.59
CA LEU B 105 -14.62 6.28 -20.00
C LEU B 105 -13.42 6.20 -19.07
N SER B 106 -13.65 6.35 -17.76
CA SER B 106 -12.60 6.38 -16.71
C SER B 106 -12.90 5.38 -15.59
N ILE B 107 -14.12 5.37 -15.07
CA ILE B 107 -14.47 4.67 -13.81
C ILE B 107 -14.42 3.14 -14.00
N HIS B 108 -14.58 2.64 -15.23
CA HIS B 108 -14.50 1.19 -15.56
C HIS B 108 -13.07 0.64 -15.33
N HIS B 109 -12.07 1.50 -15.08
CA HIS B 109 -10.69 1.07 -14.70
C HIS B 109 -10.60 0.72 -13.22
N LEU B 110 -11.55 1.11 -12.39
CA LEU B 110 -11.50 0.85 -10.92
C LEU B 110 -12.06 -0.54 -10.62
N GLU B 111 -11.55 -1.19 -9.57
CA GLU B 111 -12.19 -2.38 -8.95
C GLU B 111 -13.62 -2.01 -8.54
N HIS B 112 -14.54 -2.97 -8.56
CA HIS B 112 -15.98 -2.74 -8.27
C HIS B 112 -16.15 -2.04 -6.91
N GLN B 113 -15.45 -2.49 -5.87
CA GLN B 113 -15.64 -1.92 -4.50
C GLN B 113 -15.20 -0.45 -4.50
N ASP B 114 -14.18 -0.11 -5.31
CA ASP B 114 -13.68 1.28 -5.46
C ASP B 114 -14.69 2.12 -6.23
N LYS B 115 -15.37 1.56 -7.23
CA LYS B 115 -16.46 2.26 -7.95
C LYS B 115 -17.55 2.65 -6.94
N GLN B 116 -17.98 1.70 -6.11
CA GLN B 116 -19.07 1.89 -5.12
C GLN B 116 -18.66 2.97 -4.10
N ASP B 117 -17.44 2.89 -3.58
CA ASP B 117 -16.89 3.91 -2.65
C ASP B 117 -16.84 5.27 -3.37
N LEU B 118 -16.41 5.30 -4.63
CA LEU B 118 -16.28 6.58 -5.39
C LEU B 118 -17.66 7.24 -5.54
N PHE B 119 -18.70 6.47 -5.89
CA PHE B 119 -20.08 6.99 -6.03
C PHE B 119 -20.52 7.68 -4.73
N THR B 120 -20.25 7.05 -3.58
CA THR B 120 -20.59 7.59 -2.24
C THR B 120 -19.83 8.91 -2.00
N ARG B 121 -18.54 8.96 -2.33
CA ARG B 121 -17.68 10.14 -2.09
C ARG B 121 -18.10 11.27 -3.02
N ILE B 122 -18.51 10.94 -4.25
CA ILE B 122 -19.03 11.95 -5.22
C ILE B 122 -20.29 12.59 -4.63
N ARG B 123 -21.23 11.79 -4.12
CA ARG B 123 -22.50 12.35 -3.60
C ARG B 123 -22.21 13.37 -2.49
N LYS B 124 -21.17 13.16 -1.66
CA LYS B 124 -20.82 14.05 -0.53
C LYS B 124 -20.42 15.45 -1.04
N ILE B 125 -19.88 15.58 -2.25
CA ILE B 125 -19.36 16.89 -2.75
C ILE B 125 -20.43 17.58 -3.62
N LEU B 126 -21.57 16.93 -3.85
CA LEU B 126 -22.68 17.49 -4.67
C LEU B 126 -23.63 18.29 -3.77
N ARG B 127 -24.11 19.42 -4.27
CA ARG B 127 -25.25 20.18 -3.70
C ARG B 127 -26.47 19.27 -3.66
N PRO B 128 -27.46 19.54 -2.79
CA PRO B 128 -28.78 18.91 -2.90
C PRO B 128 -29.33 19.13 -4.31
N GLY B 129 -29.84 18.08 -4.96
CA GLY B 129 -30.35 18.12 -6.34
C GLY B 129 -29.23 18.08 -7.38
N GLY B 130 -27.96 18.03 -6.96
CA GLY B 130 -26.81 17.96 -7.87
C GLY B 130 -26.81 16.67 -8.67
N ILE B 131 -26.10 16.66 -9.79
CA ILE B 131 -26.14 15.53 -10.76
C ILE B 131 -24.73 14.92 -10.92
N PHE B 132 -24.68 13.59 -10.92
CA PHE B 132 -23.52 12.79 -11.39
C PHE B 132 -23.89 12.16 -12.73
N VAL B 133 -23.01 12.32 -13.71
CA VAL B 133 -23.18 11.77 -15.09
C VAL B 133 -21.92 11.01 -15.47
N ASN B 134 -22.09 9.80 -15.99
CA ASN B 134 -20.99 8.95 -16.46
C ASN B 134 -21.30 8.53 -17.89
N VAL B 135 -20.40 8.84 -18.83
CA VAL B 135 -20.36 8.24 -20.19
C VAL B 135 -19.41 7.06 -20.09
N GLU B 136 -19.92 5.82 -20.18
CA GLU B 136 -19.18 4.67 -19.65
C GLU B 136 -19.15 3.50 -20.64
N GLN B 137 -18.06 2.74 -20.60
CA GLN B 137 -17.95 1.40 -21.21
C GLN B 137 -18.53 0.40 -20.21
N VAL B 138 -19.57 -0.34 -20.63
CA VAL B 138 -20.33 -1.27 -19.74
C VAL B 138 -20.20 -2.70 -20.26
N LEU B 139 -20.33 -3.67 -19.36
CA LEU B 139 -20.37 -5.11 -19.67
C LEU B 139 -21.79 -5.50 -20.04
N ALA B 140 -21.96 -6.50 -20.90
CA ALA B 140 -23.26 -7.19 -21.09
C ALA B 140 -23.62 -7.95 -19.81
N PRO B 141 -24.93 -8.20 -19.55
CA PRO B 141 -25.34 -8.98 -18.38
C PRO B 141 -25.00 -10.48 -18.44
N THR B 142 -24.68 -11.03 -19.61
CA THR B 142 -24.29 -12.45 -19.77
C THR B 142 -23.06 -12.56 -20.68
N SER B 143 -22.31 -13.65 -20.58
CA SER B 143 -21.12 -13.89 -21.44
C SER B 143 -21.56 -14.00 -22.90
N GLU B 144 -22.73 -14.57 -23.16
CA GLU B 144 -23.26 -14.71 -24.56
C GLU B 144 -23.58 -13.32 -25.13
N LEU B 145 -24.19 -12.44 -24.35
CA LEU B 145 -24.50 -11.06 -24.81
C LEU B 145 -23.20 -10.25 -24.94
N GLU B 146 -22.20 -10.53 -24.10
CA GLU B 146 -20.90 -9.81 -24.15
C GLU B 146 -20.25 -10.06 -25.52
N LYS B 147 -20.35 -11.28 -26.05
CA LYS B 147 -19.79 -11.59 -27.39
C LYS B 147 -20.50 -10.73 -28.45
N MET B 148 -21.81 -10.57 -28.34
CA MET B 148 -22.63 -9.72 -29.26
C MET B 148 -22.23 -8.24 -29.11
N TYR B 149 -22.06 -7.76 -27.87
CA TYR B 149 -21.58 -6.38 -27.59
C TYR B 149 -20.23 -6.17 -28.29
N ASP B 150 -19.35 -7.16 -28.18
CA ASP B 150 -17.98 -7.10 -28.74
C ASP B 150 -18.06 -7.03 -30.27
N ARG B 151 -18.93 -7.84 -30.89
CA ARG B 151 -19.11 -7.84 -32.37
C ARG B 151 -19.62 -6.48 -32.83
N GLN B 152 -20.57 -5.88 -32.10
CA GLN B 152 -21.18 -4.57 -32.43
C GLN B 152 -20.13 -3.46 -32.34
N HIS B 153 -19.28 -3.50 -31.30
CA HIS B 153 -18.16 -2.54 -31.13
C HIS B 153 -17.19 -2.65 -32.30
N GLU B 154 -16.71 -3.86 -32.59
CA GLU B 154 -15.73 -4.13 -33.67
C GLU B 154 -16.33 -3.68 -35.01
N ALA B 155 -17.63 -3.88 -35.24
CA ALA B 155 -18.35 -3.48 -36.47
C ALA B 155 -18.25 -1.96 -36.66
N HIS B 156 -18.48 -1.17 -35.61
CA HIS B 156 -18.33 0.31 -35.65
C HIS B 156 -16.89 0.67 -36.00
N VAL B 157 -15.92 0.03 -35.34
CA VAL B 157 -14.46 0.35 -35.49
C VAL B 157 -14.03 0.12 -36.95
N LEU B 158 -14.41 -1.02 -37.54
CA LEU B 158 -14.01 -1.39 -38.92
C LEU B 158 -14.73 -0.49 -39.93
N ALA B 159 -16.01 -0.17 -39.69
CA ALA B 159 -16.83 0.71 -40.57
C ALA B 159 -16.34 2.16 -40.54
N SER B 160 -15.63 2.56 -39.47
CA SER B 160 -15.08 3.93 -39.29
C SER B 160 -13.67 4.03 -39.91
N ASP B 161 -13.17 2.94 -40.51
CA ASP B 161 -11.85 2.86 -41.20
C ASP B 161 -10.74 3.18 -40.19
N THR B 162 -10.89 2.72 -38.95
CA THR B 162 -9.89 2.91 -37.85
C THR B 162 -8.57 2.28 -38.29
N PRO B 163 -7.43 2.99 -38.19
CA PRO B 163 -6.13 2.38 -38.43
C PRO B 163 -5.95 1.10 -37.59
N ALA B 164 -5.50 0.01 -38.23
CA ALA B 164 -5.40 -1.34 -37.64
C ALA B 164 -4.55 -1.30 -36.36
N GLU B 165 -3.44 -0.55 -36.38
CA GLU B 165 -2.50 -0.44 -35.22
C GLU B 165 -3.20 0.25 -34.05
N GLU B 166 -4.16 1.15 -34.30
CA GLU B 166 -4.92 1.89 -33.26
C GLU B 166 -5.97 0.98 -32.62
N TRP B 167 -6.60 0.09 -33.39
CA TRP B 167 -7.56 -0.91 -32.88
C TRP B 167 -6.81 -1.99 -32.07
N ALA B 168 -5.61 -2.38 -32.53
CA ALA B 168 -4.70 -3.31 -31.82
C ALA B 168 -4.29 -2.71 -30.47
N ALA B 169 -3.94 -1.41 -30.45
CA ALA B 169 -3.64 -0.63 -29.22
C ALA B 169 -4.88 -0.58 -28.33
N GLY B 170 -6.06 -0.37 -28.94
CA GLY B 170 -7.37 -0.35 -28.23
C GLY B 170 -7.59 -1.65 -27.47
N ARG B 171 -7.39 -2.79 -28.13
CA ARG B 171 -7.59 -4.15 -27.56
C ARG B 171 -6.65 -4.39 -26.38
N GLU B 172 -5.38 -3.97 -26.50
CA GLU B 172 -4.35 -4.12 -25.43
C GLU B 172 -4.81 -3.38 -24.17
N ARG B 173 -5.18 -2.10 -24.29
CA ARG B 173 -5.66 -1.25 -23.16
C ARG B 173 -6.89 -1.89 -22.51
N MET B 174 -7.76 -2.53 -23.29
CA MET B 174 -9.04 -3.09 -22.81
C MET B 174 -8.81 -4.29 -21.89
N LYS B 175 -7.60 -4.87 -21.89
CA LYS B 175 -7.22 -5.97 -20.95
C LYS B 175 -7.26 -5.45 -19.50
N HIS B 176 -7.08 -4.14 -19.29
CA HIS B 176 -7.08 -3.48 -17.94
C HIS B 176 -8.48 -2.95 -17.58
N ASP B 177 -9.48 -3.13 -18.45
CA ASP B 177 -10.87 -2.70 -18.17
C ASP B 177 -11.48 -3.64 -17.12
N ILE B 178 -12.29 -3.08 -16.20
CA ILE B 178 -13.09 -3.83 -15.20
C ILE B 178 -14.53 -3.34 -15.28
N PRO B 179 -15.19 -3.49 -16.45
CA PRO B 179 -16.55 -2.99 -16.62
C PRO B 179 -17.57 -3.88 -15.90
N ILE B 180 -18.74 -3.33 -15.60
CA ILE B 180 -19.90 -4.11 -15.11
C ILE B 180 -21.11 -3.60 -15.90
N ASP B 181 -22.24 -4.30 -15.83
CA ASP B 181 -23.43 -3.95 -16.64
C ASP B 181 -23.99 -2.61 -16.14
N VAL B 182 -24.72 -1.92 -17.00
CA VAL B 182 -25.20 -0.54 -16.69
C VAL B 182 -26.21 -0.60 -15.53
N GLU B 183 -27.10 -1.61 -15.50
CA GLU B 183 -28.16 -1.69 -14.46
C GLU B 183 -27.53 -1.92 -13.07
N THR B 184 -26.44 -2.69 -12.97
CA THR B 184 -25.73 -2.93 -11.69
C THR B 184 -25.15 -1.60 -11.17
N GLN B 185 -24.44 -0.84 -12.00
CA GLN B 185 -23.75 0.38 -11.51
C GLN B 185 -24.78 1.50 -11.29
N ILE B 186 -25.90 1.49 -12.00
CA ILE B 186 -27.06 2.38 -11.68
C ILE B 186 -27.60 2.02 -10.29
N GLN B 187 -27.74 0.73 -9.95
CA GLN B 187 -28.21 0.34 -8.59
C GLN B 187 -27.19 0.82 -7.56
N TRP B 188 -25.89 0.79 -7.87
CA TRP B 188 -24.81 1.27 -6.96
C TRP B 188 -24.96 2.77 -6.69
N LEU B 189 -25.48 3.54 -7.64
CA LEU B 189 -25.82 4.99 -7.42
C LEU B 189 -26.93 5.09 -6.37
N ARG B 190 -28.00 4.31 -6.51
CA ARG B 190 -29.12 4.31 -5.53
C ARG B 190 -28.56 3.92 -4.15
N ASP B 191 -27.71 2.88 -4.10
CA ASP B 191 -27.06 2.40 -2.85
C ASP B 191 -26.25 3.55 -2.22
N ALA B 192 -25.60 4.39 -3.03
CA ALA B 192 -24.73 5.51 -2.58
C ALA B 192 -25.57 6.72 -2.14
N GLY B 193 -26.90 6.64 -2.24
CA GLY B 193 -27.83 7.66 -1.72
C GLY B 193 -28.37 8.59 -2.80
N PHE B 194 -28.11 8.33 -4.08
CA PHE B 194 -28.78 9.05 -5.20
C PHE B 194 -30.24 8.60 -5.21
N THR B 195 -31.17 9.57 -5.21
CA THR B 195 -32.63 9.34 -5.03
C THR B 195 -33.27 9.02 -6.38
N THR B 196 -32.67 9.47 -7.49
CA THR B 196 -33.06 9.07 -8.87
C THR B 196 -31.81 8.68 -9.64
N ALA B 197 -31.88 7.63 -10.45
CA ALA B 197 -30.80 7.25 -11.37
C ALA B 197 -31.42 6.63 -12.61
N ASP B 198 -30.83 6.87 -13.78
CA ASP B 198 -31.41 6.48 -15.07
C ASP B 198 -30.32 6.27 -16.11
N CYS B 199 -30.55 5.33 -17.03
CA CYS B 199 -29.77 5.21 -18.28
C CYS B 199 -30.45 6.09 -19.33
N LEU B 200 -29.79 7.17 -19.75
CA LEU B 200 -30.35 8.15 -20.71
C LEU B 200 -30.19 7.63 -22.14
N ALA B 201 -29.00 7.16 -22.49
CA ALA B 201 -28.66 6.72 -23.86
C ALA B 201 -27.71 5.53 -23.80
N LYS B 202 -27.78 4.68 -24.81
CA LYS B 202 -26.97 3.43 -24.84
C LYS B 202 -26.79 2.99 -26.29
N ASP B 203 -25.58 2.59 -26.62
CA ASP B 203 -25.22 1.89 -27.89
C ASP B 203 -24.42 0.66 -27.49
N TRP B 204 -25.14 -0.41 -27.12
CA TRP B 204 -24.55 -1.73 -26.73
C TRP B 204 -23.51 -1.52 -25.62
N ARG B 205 -22.21 -1.59 -25.92
CA ARG B 205 -21.10 -1.58 -24.94
C ARG B 205 -20.94 -0.19 -24.28
N PHE B 206 -21.55 0.86 -24.82
CA PHE B 206 -21.35 2.24 -24.29
C PHE B 206 -22.69 2.87 -23.90
N ALA B 207 -22.71 3.56 -22.76
CA ALA B 207 -23.94 4.09 -22.15
C ALA B 207 -23.66 5.39 -21.40
N THR B 208 -24.62 6.30 -21.43
CA THR B 208 -24.64 7.52 -20.58
C THR B 208 -25.74 7.33 -19.53
N TYR B 209 -25.34 7.37 -18.26
CA TYR B 209 -26.27 7.27 -17.11
C TYR B 209 -25.97 8.40 -16.12
N ALA B 210 -26.95 8.69 -15.28
CA ALA B 210 -26.90 9.82 -14.33
C ALA B 210 -27.61 9.43 -13.04
N GLY B 211 -27.17 10.04 -11.95
CA GLY B 211 -27.87 10.05 -10.66
C GLY B 211 -28.05 11.46 -10.18
N TRP B 212 -29.17 11.72 -9.49
CA TRP B 212 -29.48 13.02 -8.85
C TRP B 212 -29.43 12.85 -7.34
N ASN B 213 -28.83 13.80 -6.64
CA ASN B 213 -28.62 13.76 -5.18
C ASN B 213 -29.97 13.93 -4.45
N GLY B 214 -30.97 14.56 -5.08
CA GLY B 214 -32.31 14.79 -4.48
C GLY B 214 -33.40 14.88 -5.53
N TYR C 4 6.87 -19.79 29.63
CA TYR C 4 7.10 -19.33 28.22
C TYR C 4 8.49 -18.71 28.06
N ASP C 5 9.11 -18.26 29.17
CA ASP C 5 10.55 -17.88 29.26
C ASP C 5 11.42 -19.14 29.15
N ALA C 6 11.00 -20.21 29.83
CA ALA C 6 11.61 -21.56 29.79
C ALA C 6 11.56 -22.10 28.36
N LEU C 7 10.48 -21.79 27.63
CA LEU C 7 10.27 -22.21 26.21
C LEU C 7 11.28 -21.53 25.30
N LYS C 8 11.60 -20.25 25.55
CA LYS C 8 12.59 -19.46 24.75
C LYS C 8 13.97 -20.15 24.84
N ARG C 9 14.35 -20.60 26.04
CA ARG C 9 15.66 -21.25 26.31
C ARG C 9 15.71 -22.64 25.68
N GLN C 10 14.57 -23.36 25.68
CA GLN C 10 14.39 -24.66 24.98
C GLN C 10 14.52 -24.47 23.46
N LEU C 11 13.93 -23.39 22.92
CA LEU C 11 13.84 -23.16 21.46
C LEU C 11 15.13 -22.51 20.93
N ILE C 12 15.86 -21.76 21.77
CA ILE C 12 17.02 -20.93 21.34
C ILE C 12 18.31 -21.48 21.94
N PRO C 13 19.18 -22.11 21.12
CA PRO C 13 20.50 -22.55 21.57
C PRO C 13 21.32 -21.37 22.12
N SER C 14 22.08 -21.61 23.19
CA SER C 14 23.06 -20.66 23.77
C SER C 14 22.36 -19.37 24.17
N PHE C 15 21.12 -19.46 24.65
CA PHE C 15 20.31 -18.30 25.07
C PHE C 15 21.15 -17.38 25.98
N ASP C 16 21.75 -17.94 27.02
CA ASP C 16 22.53 -17.19 28.05
C ASP C 16 23.75 -16.53 27.40
N LEU C 17 24.47 -17.24 26.52
CA LEU C 17 25.66 -16.66 25.81
C LEU C 17 25.21 -15.50 24.92
N LEU C 18 24.16 -15.70 24.12
CA LEU C 18 23.79 -14.72 23.06
C LEU C 18 23.14 -13.48 23.71
N TYR C 19 22.15 -13.65 24.58
CA TYR C 19 21.48 -12.51 25.27
C TYR C 19 22.47 -11.85 26.23
N GLY C 20 23.29 -12.65 26.92
CA GLY C 20 24.32 -12.16 27.85
C GLY C 20 25.35 -11.31 27.12
N SER C 21 25.76 -11.73 25.92
CA SER C 21 26.73 -11.00 25.07
C SER C 21 26.14 -9.63 24.70
N ALA C 22 24.83 -9.57 24.42
CA ALA C 22 24.16 -8.33 23.99
C ALA C 22 24.17 -7.34 25.17
N VAL C 23 23.84 -7.81 26.37
CA VAL C 23 23.85 -6.98 27.61
C VAL C 23 25.27 -6.51 27.89
N SER C 24 26.27 -7.40 27.81
CA SER C 24 27.69 -7.09 28.14
C SER C 24 28.24 -6.03 27.16
N VAL C 25 28.01 -6.17 25.85
CA VAL C 25 28.57 -5.21 24.86
C VAL C 25 27.92 -3.84 25.03
N VAL C 26 26.63 -3.80 25.41
CA VAL C 26 25.95 -2.52 25.71
C VAL C 26 26.62 -1.88 26.93
N ALA C 27 26.78 -2.64 28.02
CA ALA C 27 27.33 -2.18 29.32
C ALA C 27 28.76 -1.65 29.14
N MET C 28 29.53 -2.22 28.21
CA MET C 28 30.93 -1.78 27.95
C MET C 28 30.97 -0.62 26.95
N SER C 29 29.83 -0.22 26.37
CA SER C 29 29.74 0.75 25.24
C SER C 29 29.01 2.05 25.64
N VAL C 30 28.10 2.01 26.61
CA VAL C 30 27.23 3.18 26.98
C VAL C 30 27.32 3.43 28.47
N PRO C 31 26.98 4.66 28.93
CA PRO C 31 26.97 4.96 30.37
C PRO C 31 25.83 4.27 31.13
N ALA C 32 25.92 4.27 32.46
CA ALA C 32 24.89 3.76 33.39
C ALA C 32 23.54 4.40 33.09
N THR C 33 23.54 5.68 32.68
CA THR C 33 22.31 6.48 32.44
C THR C 33 21.95 6.48 30.94
N ALA C 34 22.35 5.45 30.19
CA ALA C 34 22.13 5.35 28.73
C ALA C 34 20.64 5.47 28.40
N ARG C 35 20.32 6.09 27.27
CA ARG C 35 18.96 6.02 26.66
C ARG C 35 18.96 4.84 25.67
N ILE C 36 18.09 3.86 25.89
CA ILE C 36 18.10 2.59 25.11
C ILE C 36 16.73 2.37 24.45
N LEU C 37 16.73 2.05 23.16
CA LEU C 37 15.53 1.60 22.42
C LEU C 37 15.62 0.08 22.24
N ASP C 38 14.61 -0.66 22.71
CA ASP C 38 14.44 -2.12 22.43
C ASP C 38 13.42 -2.25 21.29
N LEU C 39 13.93 -2.54 20.09
CA LEU C 39 13.20 -2.61 18.81
C LEU C 39 12.68 -4.04 18.62
N GLY C 40 11.36 -4.24 18.62
CA GLY C 40 10.72 -5.56 18.64
C GLY C 40 10.94 -6.25 19.99
N ALA C 41 10.59 -5.56 21.07
CA ALA C 41 10.83 -5.96 22.48
C ALA C 41 10.08 -7.25 22.83
N GLY C 42 9.01 -7.57 22.10
CA GLY C 42 8.10 -8.70 22.44
C GLY C 42 7.67 -8.62 23.89
N THR C 43 7.87 -9.69 24.66
CA THR C 43 7.45 -9.79 26.08
C THR C 43 8.52 -9.18 26.99
N GLY C 44 9.60 -8.63 26.42
CA GLY C 44 10.55 -7.74 27.12
C GLY C 44 11.74 -8.46 27.75
N LEU C 45 12.13 -9.64 27.24
CA LEU C 45 13.26 -10.44 27.80
C LEU C 45 14.57 -9.65 27.73
N LEU C 46 14.88 -9.04 26.58
CA LEU C 46 16.19 -8.34 26.39
C LEU C 46 16.17 -7.06 27.22
N GLY C 47 15.07 -6.31 27.19
CA GLY C 47 14.84 -5.10 28.02
C GLY C 47 15.06 -5.37 29.50
N ALA C 48 14.48 -6.45 30.02
CA ALA C 48 14.57 -6.86 31.45
C ALA C 48 16.02 -7.22 31.80
N ALA C 49 16.74 -7.89 30.90
CA ALA C 49 18.15 -8.28 31.08
C ALA C 49 19.03 -7.02 31.15
N LEU C 50 18.75 -6.03 30.30
CA LEU C 50 19.47 -4.73 30.31
C LEU C 50 19.17 -3.99 31.62
N ARG C 51 17.91 -3.99 32.07
CA ARG C 51 17.50 -3.33 33.34
C ARG C 51 18.27 -3.95 34.51
N GLU C 52 18.37 -5.29 34.55
CA GLU C 52 19.15 -6.01 35.60
C GLU C 52 20.57 -5.43 35.65
N ARG C 53 21.22 -5.24 34.50
CA ARG C 53 22.63 -4.77 34.42
C ARG C 53 22.69 -3.24 34.62
N LEU C 54 21.68 -2.51 34.15
CA LEU C 54 21.72 -1.01 34.08
C LEU C 54 20.46 -0.44 34.75
N PRO C 55 20.42 -0.37 36.10
CA PRO C 55 19.21 0.08 36.80
C PRO C 55 18.82 1.54 36.50
N ASP C 56 19.75 2.36 36.03
CA ASP C 56 19.54 3.82 35.80
C ASP C 56 19.36 4.12 34.30
N ALA C 57 19.39 3.11 33.42
CA ALA C 57 19.18 3.30 31.97
C ALA C 57 17.72 3.72 31.71
N GLU C 58 17.50 4.66 30.80
CA GLU C 58 16.16 5.04 30.29
C GLU C 58 15.81 4.06 29.17
N LEU C 59 14.81 3.19 29.39
CA LEU C 59 14.41 2.12 28.43
C LEU C 59 13.10 2.50 27.74
N LEU C 60 13.10 2.46 26.40
CA LEU C 60 11.87 2.51 25.56
C LEU C 60 11.72 1.16 24.85
N LEU C 61 10.63 0.44 25.16
CA LEU C 61 10.27 -0.85 24.52
C LEU C 61 9.29 -0.58 23.38
N GLN C 62 9.60 -1.06 22.18
CA GLN C 62 8.77 -0.84 20.97
C GLN C 62 8.44 -2.21 20.37
N ASP C 63 7.17 -2.43 20.00
CA ASP C 63 6.71 -3.64 19.28
C ASP C 63 5.42 -3.29 18.53
N ARG C 64 5.09 -4.06 17.50
CA ARG C 64 3.82 -3.91 16.76
C ARG C 64 2.66 -4.51 17.57
N SER C 65 2.94 -5.38 18.56
CA SER C 65 1.92 -6.13 19.34
C SER C 65 1.69 -5.52 20.72
N GLN C 66 0.50 -4.97 20.96
CA GLN C 66 0.09 -4.40 22.28
C GLN C 66 0.07 -5.52 23.33
N ALA C 67 -0.38 -6.72 22.95
CA ALA C 67 -0.45 -7.91 23.82
C ALA C 67 0.95 -8.26 24.34
N MET C 68 1.95 -8.31 23.46
CA MET C 68 3.36 -8.60 23.85
C MET C 68 3.84 -7.53 24.84
N LEU C 69 3.56 -6.24 24.55
CA LEU C 69 4.03 -5.09 25.37
C LEU C 69 3.35 -5.09 26.75
N GLU C 70 2.09 -5.52 26.85
CA GLU C 70 1.38 -5.65 28.16
C GLU C 70 2.15 -6.64 29.04
N GLN C 71 2.61 -7.76 28.46
CA GLN C 71 3.38 -8.79 29.19
C GLN C 71 4.74 -8.20 29.59
N ALA C 72 5.37 -7.43 28.68
CA ALA C 72 6.69 -6.79 28.88
C ALA C 72 6.66 -5.91 30.13
N ARG C 73 5.66 -5.03 30.26
CA ARG C 73 5.55 -4.04 31.37
C ARG C 73 5.57 -4.75 32.73
N GLN C 74 5.00 -5.96 32.80
CA GLN C 74 4.84 -6.73 34.07
C GLN C 74 6.19 -7.26 34.54
N ARG C 75 7.22 -7.29 33.67
CA ARG C 75 8.60 -7.70 34.06
C ARG C 75 9.30 -6.59 34.86
N PHE C 76 8.74 -5.38 34.88
CA PHE C 76 9.36 -4.18 35.51
C PHE C 76 8.52 -3.73 36.71
N ALA C 77 9.18 -3.23 37.76
CA ALA C 77 8.56 -2.71 39.01
C ALA C 77 7.54 -1.62 38.66
N ASP C 78 6.57 -1.40 39.55
CA ASP C 78 5.48 -0.40 39.42
C ASP C 78 6.08 0.99 39.18
N ASP C 79 7.18 1.32 39.87
CA ASP C 79 7.79 2.68 39.88
C ASP C 79 8.91 2.78 38.82
N ASP C 80 9.20 1.70 38.07
CA ASP C 80 10.20 1.69 36.98
C ASP C 80 9.72 2.64 35.86
N GLN C 81 10.61 3.50 35.34
CA GLN C 81 10.24 4.60 34.40
C GLN C 81 10.27 4.10 32.94
N VAL C 82 10.45 2.79 32.73
CA VAL C 82 10.38 2.11 31.39
C VAL C 82 9.19 2.66 30.60
N ALA C 83 9.43 3.09 29.36
CA ALA C 83 8.40 3.59 28.42
C ALA C 83 8.08 2.51 27.38
N ILE C 84 6.87 2.55 26.81
CA ILE C 84 6.39 1.58 25.79
C ILE C 84 5.86 2.35 24.58
N ARG C 85 6.14 1.87 23.38
CA ARG C 85 5.63 2.45 22.11
C ARG C 85 5.14 1.31 21.22
N VAL C 86 3.90 1.41 20.74
CA VAL C 86 3.32 0.49 19.73
C VAL C 86 3.68 1.01 18.35
N ALA C 87 4.55 0.30 17.62
CA ALA C 87 4.97 0.67 16.25
C ALA C 87 5.65 -0.52 15.56
N ASP C 88 5.47 -0.59 14.25
CA ASP C 88 6.16 -1.54 13.34
C ASP C 88 7.60 -1.05 13.10
N HIS C 89 8.51 -1.96 12.79
CA HIS C 89 9.90 -1.64 12.34
C HIS C 89 9.88 -0.68 11.15
N LEU C 90 8.86 -0.78 10.28
CA LEU C 90 8.77 0.00 9.02
C LEU C 90 8.19 1.40 9.29
N ASP C 91 7.66 1.65 10.48
CA ASP C 91 7.17 2.99 10.90
C ASP C 91 8.37 3.89 11.22
N GLU C 92 8.16 5.21 11.18
CA GLU C 92 9.16 6.21 11.64
C GLU C 92 9.63 5.80 13.03
N LEU C 93 10.94 5.75 13.24
CA LEU C 93 11.54 5.43 14.56
C LEU C 93 11.31 6.60 15.53
N PRO C 94 11.37 6.37 16.86
CA PRO C 94 11.31 7.47 17.81
C PRO C 94 12.55 8.37 17.63
N ALA C 95 12.39 9.67 17.88
CA ALA C 95 13.38 10.72 17.59
C ALA C 95 14.71 10.43 18.30
N GLY C 96 14.68 10.04 19.57
CA GLY C 96 15.92 9.93 20.36
C GLY C 96 16.49 11.31 20.64
N PRO C 97 17.82 11.50 20.81
CA PRO C 97 18.82 10.49 20.45
C PRO C 97 18.93 9.34 21.45
N PHE C 98 19.46 8.20 21.00
CA PHE C 98 19.69 6.98 21.82
C PHE C 98 21.19 6.71 21.90
N ASP C 99 21.64 6.18 23.03
CA ASP C 99 23.01 5.67 23.22
C ASP C 99 23.11 4.27 22.60
N ALA C 100 22.02 3.49 22.67
CA ALA C 100 21.96 2.09 22.19
C ALA C 100 20.59 1.80 21.59
N VAL C 101 20.58 1.03 20.49
CA VAL C 101 19.35 0.41 19.94
C VAL C 101 19.63 -1.09 19.90
N VAL C 102 18.75 -1.87 20.52
CA VAL C 102 18.93 -3.35 20.61
C VAL C 102 17.71 -4.01 20.00
N SER C 103 17.89 -5.23 19.49
CA SER C 103 16.80 -6.05 18.92
C SER C 103 17.15 -7.51 19.16
N ALA C 104 16.13 -8.36 19.27
CA ALA C 104 16.31 -9.81 19.42
C ALA C 104 15.25 -10.55 18.59
N LEU C 105 15.71 -11.32 17.59
CA LEU C 105 14.87 -12.34 16.89
C LEU C 105 13.64 -11.68 16.26
N SER C 106 13.82 -10.51 15.66
CA SER C 106 12.74 -9.68 15.06
C SER C 106 13.07 -9.30 13.61
N ILE C 107 14.28 -8.81 13.34
CA ILE C 107 14.65 -8.15 12.04
C ILE C 107 14.67 -9.19 10.90
N HIS C 108 14.89 -10.48 11.19
CA HIS C 108 14.89 -11.58 10.20
C HIS C 108 13.49 -11.78 9.56
N HIS C 109 12.44 -11.13 10.09
CA HIS C 109 11.07 -11.15 9.49
C HIS C 109 10.97 -10.16 8.31
N LEU C 110 11.86 -9.17 8.22
CA LEU C 110 11.82 -8.11 7.19
C LEU C 110 12.44 -8.62 5.87
N GLU C 111 11.94 -8.12 4.75
CA GLU C 111 12.60 -8.24 3.41
C GLU C 111 14.01 -7.63 3.54
N HIS C 112 14.98 -8.16 2.79
CA HIS C 112 16.40 -7.73 2.85
C HIS C 112 16.52 -6.21 2.66
N GLN C 113 15.83 -5.62 1.67
CA GLN C 113 15.94 -4.17 1.38
C GLN C 113 15.41 -3.37 2.58
N ASP C 114 14.40 -3.90 3.29
CA ASP C 114 13.83 -3.25 4.49
C ASP C 114 14.82 -3.36 5.67
N LYS C 115 15.56 -4.46 5.79
CA LYS C 115 16.64 -4.60 6.79
C LYS C 115 17.69 -3.50 6.55
N GLN C 116 18.14 -3.35 5.31
CA GLN C 116 19.19 -2.38 4.91
C GLN C 116 18.72 -0.95 5.22
N ASP C 117 17.49 -0.62 4.83
CA ASP C 117 16.86 0.69 5.13
C ASP C 117 16.77 0.86 6.66
N LEU C 118 16.35 -0.18 7.40
CA LEU C 118 16.19 -0.08 8.88
C LEU C 118 17.55 0.23 9.53
N PHE C 119 18.62 -0.47 9.13
CA PHE C 119 19.98 -0.22 9.68
C PHE C 119 20.35 1.26 9.51
N THR C 120 20.04 1.84 8.34
CA THR C 120 20.34 3.26 8.02
C THR C 120 19.51 4.17 8.94
N ARG C 121 18.22 3.88 9.13
CA ARG C 121 17.31 4.72 9.96
C ARG C 121 17.73 4.63 11.43
N ILE C 122 18.20 3.46 11.88
CA ILE C 122 18.71 3.27 13.27
C ILE C 122 19.93 4.16 13.48
N ARG C 123 20.89 4.15 12.56
CA ARG C 123 22.12 4.96 12.76
C ARG C 123 21.76 6.43 12.95
N LYS C 124 20.70 6.92 12.27
CA LYS C 124 20.26 8.34 12.32
C LYS C 124 19.78 8.71 13.73
N ILE C 125 19.27 7.78 14.54
CA ILE C 125 18.74 8.10 15.90
C ILE C 125 19.79 7.79 16.97
N LEU C 126 20.95 7.26 16.59
CA LEU C 126 22.06 6.99 17.54
C LEU C 126 22.93 8.24 17.70
N ARG C 127 23.34 8.52 18.93
CA ARG C 127 24.44 9.47 19.24
C ARG C 127 25.72 9.00 18.55
N PRO C 128 26.68 9.91 18.27
CA PRO C 128 28.02 9.51 17.88
C PRO C 128 28.61 8.50 18.89
N GLY C 129 29.20 7.41 18.39
CA GLY C 129 29.74 6.33 19.21
C GLY C 129 28.66 5.38 19.72
N GLY C 130 27.38 5.64 19.40
CA GLY C 130 26.25 4.81 19.83
C GLY C 130 26.32 3.41 19.23
N ILE C 131 25.63 2.45 19.85
CA ILE C 131 25.72 1.01 19.50
C ILE C 131 24.35 0.50 19.04
N PHE C 132 24.37 -0.32 17.99
CA PHE C 132 23.24 -1.18 17.56
C PHE C 132 23.64 -2.62 17.83
N VAL C 133 22.80 -3.37 18.52
CA VAL C 133 23.06 -4.80 18.86
C VAL C 133 21.86 -5.62 18.39
N ASN C 134 22.13 -6.73 17.72
CA ASN C 134 21.07 -7.66 17.25
C ASN C 134 21.43 -9.06 17.72
N VAL C 135 20.52 -9.69 18.47
CA VAL C 135 20.53 -11.15 18.77
C VAL C 135 19.62 -11.80 17.73
N GLU C 136 20.19 -12.55 16.78
CA GLU C 136 19.48 -12.80 15.50
C GLU C 136 19.55 -14.26 15.08
N GLN C 137 18.48 -14.68 14.40
CA GLN C 137 18.43 -15.95 13.62
C GLN C 137 19.08 -15.67 12.27
N VAL C 138 20.14 -16.41 11.93
CA VAL C 138 20.94 -16.17 10.69
C VAL C 138 20.90 -17.43 9.82
N LEU C 139 21.05 -17.24 8.51
CA LEU C 139 21.14 -18.31 7.48
C LEU C 139 22.59 -18.77 7.40
N ALA C 140 22.82 -20.05 7.10
CA ALA C 140 24.16 -20.53 6.69
C ALA C 140 24.50 -19.89 5.35
N PRO C 141 25.81 -19.77 5.01
CA PRO C 141 26.20 -19.21 3.71
C PRO C 141 26.01 -20.16 2.50
N THR C 142 25.72 -21.45 2.71
CA THR C 142 25.39 -22.41 1.62
C THR C 142 24.20 -23.27 2.03
N SER C 143 23.50 -23.86 1.07
CA SER C 143 22.33 -24.76 1.33
C SER C 143 22.81 -26.01 2.09
N GLU C 144 24.02 -26.50 1.81
CA GLU C 144 24.61 -27.67 2.51
C GLU C 144 24.88 -27.32 3.99
N LEU C 145 25.43 -26.14 4.27
CA LEU C 145 25.66 -25.73 5.67
C LEU C 145 24.33 -25.44 6.37
N GLU C 146 23.33 -24.94 5.64
CA GLU C 146 21.98 -24.66 6.20
C GLU C 146 21.38 -25.95 6.76
N LYS C 147 21.55 -27.08 6.08
CA LYS C 147 21.06 -28.38 6.57
C LYS C 147 21.77 -28.72 7.89
N MET C 148 23.08 -28.47 7.99
CA MET C 148 23.85 -28.73 9.24
C MET C 148 23.37 -27.78 10.34
N TYR C 149 23.15 -26.49 10.03
CA TYR C 149 22.60 -25.50 10.98
C TYR C 149 21.28 -26.02 11.53
N ASP C 150 20.44 -26.54 10.65
CA ASP C 150 19.08 -27.03 11.00
C ASP C 150 19.22 -28.25 11.93
N ARG C 151 20.12 -29.18 11.63
CA ARG C 151 20.36 -30.38 12.47
C ARG C 151 20.82 -29.96 13.86
N GLN C 152 21.70 -28.95 13.96
CA GLN C 152 22.26 -28.47 15.25
C GLN C 152 21.16 -27.79 16.08
N HIS C 153 20.30 -27.00 15.46
CA HIS C 153 19.14 -26.35 16.12
C HIS C 153 18.20 -27.44 16.66
N GLU C 154 17.81 -28.41 15.83
CA GLU C 154 16.88 -29.50 16.21
C GLU C 154 17.48 -30.30 17.38
N ALA C 155 18.81 -30.53 17.37
CA ALA C 155 19.51 -31.28 18.43
C ALA C 155 19.33 -30.57 19.78
N HIS C 156 19.47 -29.24 19.81
CA HIS C 156 19.25 -28.44 21.05
C HIS C 156 17.79 -28.60 21.51
N VAL C 157 16.83 -28.43 20.59
CA VAL C 157 15.37 -28.45 20.90
C VAL C 157 14.99 -29.82 21.50
N LEU C 158 15.45 -30.92 20.91
CA LEU C 158 15.10 -32.29 21.36
C LEU C 158 15.80 -32.59 22.69
N ALA C 159 17.03 -32.12 22.89
CA ALA C 159 17.83 -32.34 24.13
C ALA C 159 17.29 -31.50 25.29
N SER C 160 16.49 -30.45 25.01
CA SER C 160 15.88 -29.56 26.03
C SER C 160 14.48 -30.07 26.43
N ASP C 161 14.05 -31.22 25.90
CA ASP C 161 12.72 -31.84 26.15
C ASP C 161 11.60 -30.84 25.80
N THR C 162 11.73 -30.15 24.66
CA THR C 162 10.71 -29.19 24.16
C THR C 162 9.42 -29.95 23.88
N PRO C 163 8.25 -29.47 24.34
CA PRO C 163 6.96 -30.05 23.96
C PRO C 163 6.83 -30.13 22.43
N ALA C 164 6.42 -31.29 21.90
CA ALA C 164 6.36 -31.60 20.46
C ALA C 164 5.51 -30.54 19.73
N GLU C 165 4.37 -30.17 20.31
CA GLU C 165 3.41 -29.19 19.72
C GLU C 165 4.06 -27.80 19.65
N GLU C 166 5.00 -27.50 20.56
CA GLU C 166 5.71 -26.19 20.62
C GLU C 166 6.80 -26.12 19.54
N TRP C 167 7.44 -27.25 19.22
CA TRP C 167 8.45 -27.34 18.13
C TRP C 167 7.74 -27.31 16.76
N ALA C 168 6.60 -27.98 16.65
CA ALA C 168 5.71 -27.95 15.46
C ALA C 168 5.27 -26.50 15.19
N ALA C 169 4.81 -25.79 16.22
CA ALA C 169 4.43 -24.36 16.16
C ALA C 169 5.64 -23.51 15.77
N GLY C 170 6.83 -23.84 16.29
CA GLY C 170 8.11 -23.18 15.93
C GLY C 170 8.39 -23.30 14.44
N ARG C 171 8.28 -24.51 13.88
CA ARG C 171 8.54 -24.81 12.44
C ARG C 171 7.57 -24.01 11.56
N GLU C 172 6.29 -23.93 11.96
CA GLU C 172 5.23 -23.19 11.23
C GLU C 172 5.63 -21.70 11.12
N ARG C 173 5.99 -21.07 12.24
CA ARG C 173 6.41 -19.64 12.31
C ARG C 173 7.66 -19.42 11.43
N MET C 174 8.57 -20.38 11.39
CA MET C 174 9.87 -20.25 10.68
C MET C 174 9.64 -20.18 9.15
N LYS C 175 8.46 -20.55 8.66
CA LYS C 175 8.09 -20.42 7.22
C LYS C 175 8.05 -18.93 6.83
N HIS C 176 7.86 -18.03 7.79
CA HIS C 176 7.78 -16.56 7.57
C HIS C 176 9.14 -15.89 7.79
N ASP C 177 10.17 -16.66 8.15
CA ASP C 177 11.53 -16.11 8.39
C ASP C 177 12.16 -15.74 7.04
N ILE C 178 12.90 -14.64 6.99
CA ILE C 178 13.69 -14.18 5.81
C ILE C 178 15.12 -13.91 6.28
N PRO C 179 15.82 -14.93 6.83
CA PRO C 179 17.15 -14.72 7.38
C PRO C 179 18.20 -14.60 6.28
N ILE C 180 19.34 -13.99 6.61
CA ILE C 180 20.54 -13.97 5.74
C ILE C 180 21.74 -14.29 6.65
N ASP C 181 22.88 -14.60 6.06
CA ASP C 181 24.08 -15.02 6.82
C ASP C 181 24.59 -13.82 7.62
N VAL C 182 25.28 -14.10 8.73
CA VAL C 182 25.69 -13.04 9.70
C VAL C 182 26.66 -12.07 9.01
N GLU C 183 27.57 -12.55 8.17
CA GLU C 183 28.63 -11.71 7.55
C GLU C 183 27.98 -10.71 6.57
N THR C 184 26.93 -11.11 5.84
CA THR C 184 26.21 -10.22 4.90
C THR C 184 25.55 -9.07 5.67
N GLN C 185 24.84 -9.39 6.76
CA GLN C 185 24.12 -8.41 7.62
C GLN C 185 25.12 -7.42 8.23
N ILE C 186 26.25 -7.93 8.72
CA ILE C 186 27.35 -7.11 9.28
C ILE C 186 27.85 -6.13 8.21
N GLN C 187 28.05 -6.58 6.97
CA GLN C 187 28.50 -5.69 5.87
C GLN C 187 27.44 -4.61 5.64
N TRP C 188 26.15 -4.96 5.75
CA TRP C 188 25.03 -4.00 5.58
C TRP C 188 25.08 -2.92 6.68
N LEU C 189 25.57 -3.23 7.89
CA LEU C 189 25.81 -2.22 8.95
C LEU C 189 26.90 -1.23 8.48
N ARG C 190 27.99 -1.75 7.91
CA ARG C 190 29.10 -0.91 7.39
C ARG C 190 28.55 -0.02 6.27
N ASP C 191 27.73 -0.59 5.38
CA ASP C 191 27.06 0.13 4.26
C ASP C 191 26.20 1.26 4.83
N ALA C 192 25.50 1.03 5.95
CA ALA C 192 24.58 1.99 6.59
C ALA C 192 25.36 3.08 7.36
N GLY C 193 26.69 2.98 7.40
CA GLY C 193 27.57 4.03 7.94
C GLY C 193 28.13 3.70 9.32
N PHE C 194 27.89 2.50 9.86
CA PHE C 194 28.55 2.05 11.11
C PHE C 194 30.04 1.84 10.79
N THR C 195 30.92 2.43 11.60
CA THR C 195 32.38 2.49 11.32
C THR C 195 33.06 1.22 11.83
N THR C 196 32.46 0.54 12.80
CA THR C 196 32.90 -0.79 13.29
C THR C 196 31.68 -1.70 13.40
N ALA C 197 31.83 -2.96 13.01
CA ALA C 197 30.79 -3.99 13.17
C ALA C 197 31.48 -5.33 13.40
N ASP C 198 30.90 -6.18 14.25
CA ASP C 198 31.55 -7.45 14.66
C ASP C 198 30.49 -8.47 15.05
N CYS C 199 30.76 -9.75 14.78
CA CYS C 199 30.03 -10.89 15.39
C CYS C 199 30.69 -11.22 16.73
N LEU C 200 29.99 -10.98 17.83
CA LEU C 200 30.52 -11.16 19.20
C LEU C 200 30.46 -12.64 19.59
N ALA C 201 29.31 -13.27 19.37
CA ALA C 201 29.03 -14.66 19.79
C ALA C 201 28.11 -15.32 18.77
N LYS C 202 28.23 -16.63 18.64
CA LYS C 202 27.48 -17.40 17.63
C LYS C 202 27.35 -18.86 18.08
N ASP C 203 26.17 -19.42 17.90
CA ASP C 203 25.89 -20.88 18.04
C ASP C 203 25.12 -21.28 16.78
N TRP C 204 25.86 -21.56 15.71
CA TRP C 204 25.33 -22.01 14.40
C TRP C 204 24.26 -21.03 13.90
N ARG C 205 22.97 -21.35 14.00
CA ARG C 205 21.84 -20.56 13.42
C ARG C 205 21.61 -19.24 14.18
N PHE C 206 22.16 -19.07 15.38
CA PHE C 206 21.89 -17.86 16.20
C PHE C 206 23.20 -17.12 16.51
N ALA C 207 23.17 -15.80 16.36
CA ALA C 207 24.37 -14.93 16.52
C ALA C 207 23.97 -13.62 17.19
N THR C 208 24.89 -13.08 17.97
CA THR C 208 24.84 -11.69 18.48
C THR C 208 25.90 -10.87 17.76
N TYR C 209 25.48 -9.83 17.04
CA TYR C 209 26.40 -8.90 16.34
C TYR C 209 26.03 -7.46 16.72
N ALA C 210 26.99 -6.56 16.48
CA ALA C 210 26.88 -5.14 16.88
C ALA C 210 27.56 -4.27 15.82
N GLY C 211 27.06 -3.03 15.71
CA GLY C 211 27.74 -1.93 15.01
C GLY C 211 27.87 -0.74 15.93
N TRP C 212 28.93 0.05 15.73
CA TRP C 212 29.16 1.33 16.45
C TRP C 212 29.11 2.48 15.45
N ASN C 213 28.44 3.56 15.83
CA ASN C 213 28.28 4.81 15.03
C ASN C 213 29.46 5.77 15.29
N GLY C 214 30.69 5.37 14.99
CA GLY C 214 31.88 6.25 15.00
C GLY C 214 33.08 5.60 15.67
N THR D 3 -33.77 -5.67 -0.83
CA THR D 3 -33.42 -7.10 -1.13
C THR D 3 -32.22 -7.54 -0.29
N TYR D 4 -31.30 -6.61 0.04
CA TYR D 4 -30.00 -6.89 0.70
C TYR D 4 -30.21 -7.52 2.09
N ASP D 5 -31.15 -7.00 2.89
CA ASP D 5 -31.44 -7.48 4.27
C ASP D 5 -32.03 -8.89 4.23
N ALA D 6 -32.99 -9.13 3.34
CA ALA D 6 -33.66 -10.45 3.13
C ALA D 6 -32.61 -11.52 2.83
N LEU D 7 -31.65 -11.19 1.95
CA LEU D 7 -30.54 -12.10 1.54
C LEU D 7 -29.70 -12.49 2.77
N LYS D 8 -29.44 -11.55 3.70
CA LYS D 8 -28.62 -11.82 4.91
C LYS D 8 -29.29 -12.92 5.74
N ARG D 9 -30.61 -12.84 5.94
CA ARG D 9 -31.40 -13.81 6.74
C ARG D 9 -31.40 -15.19 6.05
N GLN D 10 -31.47 -15.19 4.71
CA GLN D 10 -31.42 -16.43 3.88
C GLN D 10 -30.04 -17.09 4.02
N LEU D 11 -28.98 -16.30 4.11
CA LEU D 11 -27.58 -16.81 4.16
C LEU D 11 -27.20 -17.20 5.60
N ILE D 12 -27.82 -16.59 6.63
CA ILE D 12 -27.40 -16.74 8.06
C ILE D 12 -28.47 -17.47 8.86
N PRO D 13 -28.23 -18.75 9.25
CA PRO D 13 -29.13 -19.49 10.14
C PRO D 13 -29.34 -18.80 11.49
N SER D 14 -30.56 -18.84 12.04
CA SER D 14 -30.90 -18.36 13.40
C SER D 14 -30.57 -16.87 13.52
N PHE D 15 -30.82 -16.08 12.46
CA PHE D 15 -30.48 -14.64 12.42
C PHE D 15 -31.03 -13.94 13.68
N ASP D 16 -32.31 -14.14 13.98
CA ASP D 16 -33.03 -13.45 15.09
C ASP D 16 -32.46 -13.89 16.43
N LEU D 17 -32.21 -15.19 16.62
CA LEU D 17 -31.58 -15.71 17.86
C LEU D 17 -30.20 -15.07 18.05
N LEU D 18 -29.36 -15.04 17.01
CA LEU D 18 -27.92 -14.66 17.18
C LEU D 18 -27.80 -13.14 17.35
N TYR D 19 -28.41 -12.34 16.48
CA TYR D 19 -28.39 -10.86 16.56
C TYR D 19 -29.16 -10.42 17.81
N GLY D 20 -30.31 -11.05 18.08
CA GLY D 20 -31.17 -10.79 19.25
C GLY D 20 -30.40 -11.02 20.53
N SER D 21 -29.62 -12.10 20.59
CA SER D 21 -28.75 -12.43 21.77
C SER D 21 -27.71 -11.33 21.99
N ALA D 22 -27.11 -10.82 20.90
CA ALA D 22 -26.09 -9.75 20.95
C ALA D 22 -26.72 -8.49 21.55
N VAL D 23 -27.90 -8.10 21.07
CA VAL D 23 -28.65 -6.90 21.56
C VAL D 23 -28.99 -7.11 23.05
N SER D 24 -29.52 -8.27 23.41
CA SER D 24 -29.98 -8.58 24.78
C SER D 24 -28.81 -8.53 25.75
N VAL D 25 -27.66 -9.12 25.40
CA VAL D 25 -26.51 -9.17 26.35
C VAL D 25 -25.96 -7.75 26.53
N VAL D 26 -25.98 -6.92 25.48
CA VAL D 26 -25.54 -5.49 25.61
C VAL D 26 -26.52 -4.77 26.54
N ALA D 27 -27.82 -4.90 26.29
CA ALA D 27 -28.88 -4.21 27.07
C ALA D 27 -28.83 -4.60 28.55
N MET D 28 -28.39 -5.81 28.87
CA MET D 28 -28.30 -6.32 30.27
C MET D 28 -26.95 -5.94 30.91
N SER D 29 -26.01 -5.38 30.15
CA SER D 29 -24.59 -5.15 30.58
C SER D 29 -24.26 -3.66 30.68
N VAL D 30 -24.94 -2.78 29.94
CA VAL D 30 -24.54 -1.34 29.80
C VAL D 30 -25.75 -0.47 30.04
N PRO D 31 -25.56 0.82 30.45
CA PRO D 31 -26.68 1.73 30.64
C PRO D 31 -27.39 2.15 29.34
N ALA D 32 -28.58 2.73 29.47
CA ALA D 32 -29.40 3.30 28.37
C ALA D 32 -28.56 4.26 27.53
N THR D 33 -27.64 5.00 28.17
CA THR D 33 -26.83 6.08 27.56
C THR D 33 -25.42 5.57 27.21
N ALA D 34 -25.27 4.26 27.02
CA ALA D 34 -23.98 3.59 26.71
C ALA D 34 -23.35 4.19 25.45
N ARG D 35 -22.02 4.23 25.44
CA ARG D 35 -21.23 4.56 24.24
C ARG D 35 -20.87 3.21 23.60
N ILE D 36 -21.31 2.99 22.37
CA ILE D 36 -21.14 1.69 21.65
C ILE D 36 -20.39 1.90 20.34
N LEU D 37 -19.35 1.10 20.12
CA LEU D 37 -18.64 0.98 18.81
C LEU D 37 -19.15 -0.28 18.10
N ASP D 38 -19.69 -0.12 16.89
CA ASP D 38 -20.00 -1.23 15.95
C ASP D 38 -18.82 -1.39 14.98
N LEU D 39 -18.01 -2.42 15.20
CA LEU D 39 -16.74 -2.68 14.48
C LEU D 39 -17.06 -3.57 13.27
N GLY D 40 -16.88 -3.06 12.05
CA GLY D 40 -17.29 -3.75 10.81
C GLY D 40 -18.81 -3.71 10.67
N ALA D 41 -19.38 -2.52 10.79
CA ALA D 41 -20.84 -2.28 10.87
C ALA D 41 -21.53 -2.69 9.56
N GLY D 42 -20.79 -2.83 8.45
CA GLY D 42 -21.37 -3.12 7.13
C GLY D 42 -22.50 -2.15 6.84
N THR D 43 -23.66 -2.68 6.44
CA THR D 43 -24.85 -1.88 6.07
C THR D 43 -25.65 -1.49 7.33
N GLY D 44 -25.18 -1.91 8.51
CA GLY D 44 -25.63 -1.38 9.82
C GLY D 44 -26.74 -2.18 10.48
N LEU D 45 -26.91 -3.47 10.18
CA LEU D 45 -28.02 -4.28 10.76
C LEU D 45 -27.89 -4.35 12.29
N LEU D 46 -26.69 -4.60 12.81
CA LEU D 46 -26.49 -4.78 14.28
C LEU D 46 -26.66 -3.42 14.97
N GLY D 47 -26.06 -2.36 14.40
CA GLY D 47 -26.21 -0.98 14.90
C GLY D 47 -27.68 -0.61 15.01
N ALA D 48 -28.47 -0.91 13.98
CA ALA D 48 -29.91 -0.59 13.88
C ALA D 48 -30.68 -1.37 14.96
N ALA D 49 -30.37 -2.65 15.14
CA ALA D 49 -30.98 -3.52 16.18
C ALA D 49 -30.69 -2.96 17.58
N LEU D 50 -29.46 -2.48 17.82
CA LEU D 50 -29.06 -1.87 19.12
C LEU D 50 -29.85 -0.58 19.37
N ARG D 51 -29.97 0.29 18.36
CA ARG D 51 -30.74 1.56 18.43
C ARG D 51 -32.21 1.26 18.76
N GLU D 52 -32.79 0.21 18.17
CA GLU D 52 -34.21 -0.17 18.44
C GLU D 52 -34.37 -0.41 19.94
N ARG D 53 -33.42 -1.09 20.57
CA ARG D 53 -33.48 -1.48 22.00
C ARG D 53 -33.01 -0.31 22.88
N LEU D 54 -32.06 0.49 22.39
CA LEU D 54 -31.37 1.55 23.19
C LEU D 54 -31.45 2.88 22.43
N PRO D 55 -32.63 3.57 22.47
CA PRO D 55 -32.79 4.83 21.75
C PRO D 55 -31.82 5.96 22.15
N ASP D 56 -31.25 5.90 23.36
CA ASP D 56 -30.40 6.98 23.93
C ASP D 56 -28.92 6.60 23.89
N ALA D 57 -28.56 5.45 23.33
CA ALA D 57 -27.15 5.00 23.22
C ALA D 57 -26.42 5.90 22.20
N GLU D 58 -25.16 6.21 22.48
CA GLU D 58 -24.23 6.91 21.55
C GLU D 58 -23.55 5.85 20.68
N LEU D 59 -23.93 5.78 19.40
CA LEU D 59 -23.46 4.73 18.44
C LEU D 59 -22.39 5.33 17.52
N LEU D 60 -21.27 4.61 17.39
CA LEU D 60 -20.22 4.88 16.36
C LEU D 60 -20.14 3.63 15.47
N LEU D 61 -20.45 3.79 14.19
CA LEU D 61 -20.38 2.71 13.18
C LEU D 61 -19.05 2.84 12.44
N GLN D 62 -18.21 1.81 12.47
CA GLN D 62 -16.90 1.79 11.80
C GLN D 62 -16.88 0.68 10.74
N ASP D 63 -16.36 0.99 9.55
CA ASP D 63 -16.17 -0.01 8.46
C ASP D 63 -15.10 0.54 7.51
N ARG D 64 -14.44 -0.35 6.76
CA ARG D 64 -13.43 0.07 5.75
C ARG D 64 -14.14 0.59 4.50
N SER D 65 -15.43 0.24 4.31
CA SER D 65 -16.21 0.54 3.07
C SER D 65 -17.11 1.76 3.30
N GLN D 66 -16.83 2.84 2.56
CA GLN D 66 -17.66 4.07 2.61
C GLN D 66 -19.05 3.76 2.03
N ALA D 67 -19.14 2.91 1.01
CA ALA D 67 -20.42 2.52 0.36
C ALA D 67 -21.33 1.83 1.38
N MET D 68 -20.80 0.88 2.16
CA MET D 68 -21.63 0.14 3.13
C MET D 68 -22.05 1.07 4.27
N LEU D 69 -21.17 1.98 4.71
CA LEU D 69 -21.50 2.95 5.79
C LEU D 69 -22.57 3.93 5.31
N GLU D 70 -22.62 4.25 4.02
CA GLU D 70 -23.70 5.10 3.43
C GLU D 70 -25.04 4.36 3.57
N GLN D 71 -25.06 3.06 3.31
CA GLN D 71 -26.29 2.23 3.45
C GLN D 71 -26.67 2.16 4.94
N ALA D 72 -25.68 2.08 5.83
CA ALA D 72 -25.88 2.10 7.30
C ALA D 72 -26.54 3.41 7.71
N ARG D 73 -26.03 4.54 7.23
CA ARG D 73 -26.54 5.89 7.61
C ARG D 73 -28.00 6.01 7.18
N GLN D 74 -28.39 5.35 6.08
CA GLN D 74 -29.77 5.43 5.52
C GLN D 74 -30.77 4.76 6.50
N ARG D 75 -30.33 3.82 7.34
CA ARG D 75 -31.22 3.12 8.32
C ARG D 75 -31.58 4.05 9.49
N PHE D 76 -30.83 5.13 9.68
CA PHE D 76 -30.97 6.03 10.85
C PHE D 76 -31.63 7.35 10.39
N ALA D 77 -32.55 7.87 11.20
CA ALA D 77 -33.26 9.16 10.99
C ALA D 77 -32.23 10.29 10.82
N ASP D 78 -32.60 11.36 10.12
CA ASP D 78 -31.75 12.54 9.80
C ASP D 78 -31.18 13.16 11.08
N ASP D 79 -31.99 13.23 12.15
CA ASP D 79 -31.63 13.91 13.42
C ASP D 79 -30.95 12.93 14.39
N ASP D 80 -30.85 11.63 14.04
CA ASP D 80 -30.16 10.60 14.87
C ASP D 80 -28.67 10.96 14.92
N GLN D 81 -28.07 10.92 16.12
CA GLN D 81 -26.70 11.44 16.38
C GLN D 81 -25.64 10.37 16.04
N VAL D 82 -26.05 9.17 15.61
CA VAL D 82 -25.14 8.08 15.14
C VAL D 82 -23.96 8.72 14.40
N ALA D 83 -22.74 8.31 14.73
CA ALA D 83 -21.50 8.79 14.07
C ALA D 83 -20.92 7.66 13.21
N ILE D 84 -20.11 8.02 12.21
CA ILE D 84 -19.50 7.07 11.23
C ILE D 84 -17.99 7.32 11.15
N ARG D 85 -17.21 6.24 11.11
CA ARG D 85 -15.73 6.27 10.96
C ARG D 85 -15.35 5.29 9.86
N VAL D 86 -14.64 5.77 8.83
CA VAL D 86 -14.05 4.91 7.77
C VAL D 86 -12.68 4.46 8.26
N ALA D 87 -12.56 3.18 8.65
CA ALA D 87 -11.30 2.58 9.16
C ALA D 87 -11.37 1.06 9.04
N ASP D 88 -10.20 0.45 8.83
CA ASP D 88 -10.00 -1.02 8.80
C ASP D 88 -9.88 -1.51 10.25
N HIS D 89 -10.23 -2.77 10.52
CA HIS D 89 -9.98 -3.46 11.81
C HIS D 89 -8.52 -3.29 12.23
N LEU D 90 -7.58 -3.34 11.29
CA LEU D 90 -6.12 -3.33 11.57
C LEU D 90 -5.63 -1.90 11.85
N ASP D 91 -6.44 -0.87 11.58
CA ASP D 91 -6.12 0.54 11.89
C ASP D 91 -6.25 0.77 13.40
N GLU D 92 -5.66 1.84 13.91
CA GLU D 92 -5.83 2.29 15.32
C GLU D 92 -7.32 2.46 15.59
N LEU D 93 -7.82 1.88 16.69
CA LEU D 93 -9.24 2.00 17.09
C LEU D 93 -9.51 3.42 17.57
N PRO D 94 -10.78 3.88 17.58
CA PRO D 94 -11.14 5.16 18.18
C PRO D 94 -10.89 5.11 19.70
N ALA D 95 -10.50 6.23 20.29
CA ALA D 95 -10.05 6.34 21.71
C ALA D 95 -11.17 5.88 22.67
N GLY D 96 -12.40 6.30 22.45
CA GLY D 96 -13.49 6.04 23.44
C GLY D 96 -13.24 6.86 24.71
N PRO D 97 -13.53 6.37 25.93
CA PRO D 97 -13.81 4.97 26.19
C PRO D 97 -15.21 4.54 25.71
N PHE D 98 -15.44 3.23 25.61
CA PHE D 98 -16.73 2.62 25.21
C PHE D 98 -17.24 1.72 26.32
N ASP D 99 -18.56 1.66 26.46
CA ASP D 99 -19.28 0.71 27.35
C ASP D 99 -19.37 -0.65 26.65
N ALA D 100 -19.52 -0.65 25.32
CA ALA D 100 -19.67 -1.87 24.50
C ALA D 100 -18.94 -1.71 23.17
N VAL D 101 -18.30 -2.78 22.71
CA VAL D 101 -17.77 -2.93 21.33
C VAL D 101 -18.45 -4.17 20.75
N VAL D 102 -19.11 -4.03 19.61
CA VAL D 102 -19.88 -5.14 18.99
C VAL D 102 -19.38 -5.33 17.56
N SER D 103 -19.53 -6.56 17.05
CA SER D 103 -19.08 -6.93 15.70
C SER D 103 -19.96 -8.09 15.23
N ALA D 104 -20.26 -8.15 13.94
CA ALA D 104 -20.99 -9.28 13.34
C ALA D 104 -20.35 -9.66 11.99
N LEU D 105 -19.84 -10.90 11.93
CA LEU D 105 -19.48 -11.59 10.67
C LEU D 105 -18.38 -10.82 9.92
N SER D 106 -17.39 -10.33 10.67
CA SER D 106 -16.28 -9.48 10.17
C SER D 106 -14.92 -10.05 10.59
N ILE D 107 -14.76 -10.41 11.87
CA ILE D 107 -13.43 -10.71 12.46
C ILE D 107 -12.88 -12.04 11.90
N HIS D 108 -13.73 -12.93 11.38
CA HIS D 108 -13.30 -14.21 10.76
C HIS D 108 -12.51 -13.97 9.46
N HIS D 109 -12.47 -12.74 8.93
CA HIS D 109 -11.65 -12.38 7.74
C HIS D 109 -10.19 -12.12 8.14
N LEU D 110 -9.90 -11.90 9.42
CA LEU D 110 -8.52 -11.55 9.88
C LEU D 110 -7.71 -12.83 10.11
N GLU D 111 -6.39 -12.77 9.90
CA GLU D 111 -5.44 -13.84 10.31
C GLU D 111 -5.60 -14.03 11.83
N HIS D 112 -5.35 -15.24 12.33
CA HIS D 112 -5.53 -15.60 13.77
C HIS D 112 -4.74 -14.62 14.66
N GLN D 113 -3.49 -14.29 14.31
CA GLN D 113 -2.63 -13.41 15.16
C GLN D 113 -3.24 -12.00 15.19
N ASP D 114 -3.93 -11.58 14.13
CA ASP D 114 -4.56 -10.25 14.04
C ASP D 114 -5.85 -10.26 14.88
N LYS D 115 -6.57 -11.39 14.92
CA LYS D 115 -7.75 -11.57 15.81
C LYS D 115 -7.33 -11.32 17.26
N GLN D 116 -6.26 -11.99 17.70
CA GLN D 116 -5.74 -11.93 19.09
C GLN D 116 -5.32 -10.49 19.41
N ASP D 117 -4.57 -9.87 18.50
CA ASP D 117 -4.13 -8.47 18.66
C ASP D 117 -5.36 -7.56 18.74
N LEU D 118 -6.37 -7.78 17.89
CA LEU D 118 -7.61 -6.96 17.90
C LEU D 118 -8.30 -7.09 19.27
N PHE D 119 -8.43 -8.30 19.81
CA PHE D 119 -9.07 -8.53 21.13
C PHE D 119 -8.37 -7.70 22.23
N THR D 120 -7.04 -7.67 22.22
CA THR D 120 -6.22 -6.85 23.17
C THR D 120 -6.55 -5.37 22.97
N ARG D 121 -6.58 -4.91 21.72
CA ARG D 121 -6.79 -3.48 21.39
C ARG D 121 -8.22 -3.07 21.76
N ILE D 122 -9.20 -3.96 21.60
CA ILE D 122 -10.61 -3.70 22.00
C ILE D 122 -10.69 -3.54 23.52
N ARG D 123 -10.05 -4.43 24.28
CA ARG D 123 -10.12 -4.35 25.76
C ARG D 123 -9.57 -2.98 26.23
N LYS D 124 -8.56 -2.44 25.53
CA LYS D 124 -7.90 -1.15 25.85
C LYS D 124 -8.88 0.04 25.71
N ILE D 125 -9.89 -0.03 24.83
CA ILE D 125 -10.83 1.11 24.63
C ILE D 125 -12.13 0.88 25.42
N LEU D 126 -12.27 -0.26 26.11
CA LEU D 126 -13.48 -0.56 26.94
C LEU D 126 -13.28 0.01 28.36
N ARG D 127 -14.33 0.59 28.94
CA ARG D 127 -14.35 0.96 30.37
C ARG D 127 -14.25 -0.32 31.20
N PRO D 128 -13.85 -0.25 32.48
CA PRO D 128 -13.93 -1.40 33.37
C PRO D 128 -15.36 -1.97 33.41
N GLY D 129 -15.49 -3.30 33.30
CA GLY D 129 -16.78 -4.00 33.20
C GLY D 129 -17.40 -3.90 31.80
N GLY D 130 -16.76 -3.22 30.85
CA GLY D 130 -17.24 -3.07 29.46
C GLY D 130 -17.37 -4.42 28.77
N ILE D 131 -18.20 -4.50 27.72
CA ILE D 131 -18.53 -5.79 27.04
C ILE D 131 -18.07 -5.73 25.59
N PHE D 132 -17.50 -6.83 25.10
CA PHE D 132 -17.26 -7.11 23.66
C PHE D 132 -18.19 -8.25 23.25
N VAL D 133 -18.92 -8.08 22.15
CA VAL D 133 -19.86 -9.10 21.62
C VAL D 133 -19.51 -9.33 20.16
N ASN D 134 -19.39 -10.59 19.76
CA ASN D 134 -19.15 -11.00 18.36
C ASN D 134 -20.25 -11.97 17.94
N VAL D 135 -20.98 -11.63 16.87
CA VAL D 135 -21.87 -12.56 16.12
C VAL D 135 -21.02 -13.10 14.97
N GLU D 136 -20.63 -14.37 15.03
CA GLU D 136 -19.46 -14.83 14.26
C GLU D 136 -19.76 -16.14 13.52
N GLN D 137 -19.09 -16.28 12.38
CA GLN D 137 -18.95 -17.55 11.63
C GLN D 137 -17.77 -18.32 12.23
N VAL D 138 -18.01 -19.54 12.70
CA VAL D 138 -17.01 -20.34 13.46
C VAL D 138 -16.76 -21.65 12.72
N LEU D 139 -15.56 -22.19 12.88
CA LEU D 139 -15.14 -23.51 12.35
C LEU D 139 -15.57 -24.58 13.34
N ALA D 140 -15.89 -25.78 12.86
CA ALA D 140 -16.11 -26.95 13.74
C ALA D 140 -14.75 -27.34 14.33
N PRO D 141 -14.69 -27.99 15.51
CA PRO D 141 -13.42 -28.41 16.09
C PRO D 141 -12.68 -29.55 15.35
N THR D 142 -13.34 -30.28 14.45
CA THR D 142 -12.71 -31.36 13.64
C THR D 142 -13.20 -31.25 12.19
N SER D 143 -12.43 -31.77 11.24
CA SER D 143 -12.79 -31.77 9.79
C SER D 143 -14.08 -32.56 9.57
N GLU D 144 -14.27 -33.65 10.33
CA GLU D 144 -15.51 -34.48 10.26
C GLU D 144 -16.71 -33.63 10.70
N LEU D 145 -16.62 -32.91 11.81
CA LEU D 145 -17.74 -32.04 12.28
C LEU D 145 -17.91 -30.87 11.31
N GLU D 146 -16.84 -30.37 10.69
CA GLU D 146 -16.93 -29.23 9.74
C GLU D 146 -17.83 -29.61 8.57
N LYS D 147 -17.77 -30.86 8.11
CA LYS D 147 -18.66 -31.34 7.02
C LYS D 147 -20.11 -31.27 7.49
N MET D 148 -20.40 -31.66 8.74
CA MET D 148 -21.77 -31.61 9.31
C MET D 148 -22.24 -30.14 9.46
N TYR D 149 -21.36 -29.25 9.93
CA TYR D 149 -21.65 -27.79 10.02
C TYR D 149 -22.03 -27.28 8.62
N ASP D 150 -21.30 -27.71 7.59
CA ASP D 150 -21.53 -27.28 6.18
C ASP D 150 -22.90 -27.79 5.72
N ARG D 151 -23.24 -29.05 5.98
CA ARG D 151 -24.54 -29.64 5.59
C ARG D 151 -25.68 -28.86 6.25
N GLN D 152 -25.54 -28.51 7.53
CA GLN D 152 -26.58 -27.76 8.30
C GLN D 152 -26.74 -26.35 7.74
N HIS D 153 -25.65 -25.68 7.38
CA HIS D 153 -25.70 -24.32 6.78
C HIS D 153 -26.42 -24.40 5.43
N GLU D 154 -26.02 -25.33 4.56
CA GLU D 154 -26.64 -25.50 3.22
C GLU D 154 -28.12 -25.83 3.37
N ALA D 155 -28.49 -26.65 4.37
CA ALA D 155 -29.88 -27.03 4.67
C ALA D 155 -30.71 -25.76 4.94
N HIS D 156 -30.20 -24.81 5.73
CA HIS D 156 -30.87 -23.51 5.98
C HIS D 156 -30.99 -22.72 4.67
N VAL D 157 -29.90 -22.60 3.92
CA VAL D 157 -29.83 -21.76 2.69
C VAL D 157 -30.82 -22.31 1.65
N LEU D 158 -30.89 -23.63 1.48
CA LEU D 158 -31.83 -24.25 0.50
C LEU D 158 -33.27 -24.07 0.99
N ALA D 159 -33.51 -24.21 2.30
CA ALA D 159 -34.85 -24.13 2.92
C ALA D 159 -35.38 -22.69 2.89
N SER D 160 -34.51 -21.68 2.73
CA SER D 160 -34.87 -20.24 2.67
C SER D 160 -35.10 -19.79 1.21
N ASP D 161 -35.07 -20.73 0.27
CA ASP D 161 -35.26 -20.50 -1.19
C ASP D 161 -34.30 -19.40 -1.67
N THR D 162 -33.03 -19.51 -1.27
CA THR D 162 -31.93 -18.57 -1.66
C THR D 162 -31.68 -18.72 -3.16
N PRO D 163 -31.67 -17.61 -3.94
CA PRO D 163 -31.29 -17.68 -5.35
C PRO D 163 -29.94 -18.39 -5.53
N ALA D 164 -29.86 -19.32 -6.49
CA ALA D 164 -28.71 -20.22 -6.72
C ALA D 164 -27.41 -19.41 -6.91
N GLU D 165 -27.47 -18.30 -7.65
CA GLU D 165 -26.29 -17.43 -7.95
C GLU D 165 -25.79 -16.74 -6.67
N GLU D 166 -26.69 -16.39 -5.74
CA GLU D 166 -26.34 -15.72 -4.46
C GLU D 166 -25.60 -16.70 -3.53
N TRP D 167 -25.99 -17.99 -3.55
CA TRP D 167 -25.30 -19.05 -2.76
C TRP D 167 -23.92 -19.32 -3.38
N ALA D 168 -23.85 -19.42 -4.72
CA ALA D 168 -22.58 -19.52 -5.49
C ALA D 168 -21.67 -18.35 -5.13
N ALA D 169 -22.22 -17.13 -5.06
CA ALA D 169 -21.50 -15.90 -4.68
C ALA D 169 -21.01 -16.02 -3.23
N GLY D 170 -21.86 -16.52 -2.33
CA GLY D 170 -21.53 -16.79 -0.92
C GLY D 170 -20.38 -17.76 -0.78
N ARG D 171 -20.41 -18.86 -1.55
CA ARG D 171 -19.35 -19.90 -1.57
C ARG D 171 -18.02 -19.29 -2.01
N GLU D 172 -18.05 -18.41 -3.01
CA GLU D 172 -16.84 -17.71 -3.53
C GLU D 172 -16.22 -16.87 -2.41
N ARG D 173 -17.03 -16.04 -1.74
CA ARG D 173 -16.58 -15.16 -0.62
C ARG D 173 -16.01 -15.99 0.53
N MET D 174 -16.53 -17.21 0.75
CA MET D 174 -16.16 -18.06 1.92
C MET D 174 -14.77 -18.70 1.70
N LYS D 175 -14.21 -18.63 0.49
CA LYS D 175 -12.82 -19.06 0.20
C LYS D 175 -11.82 -18.11 0.90
N HIS D 176 -12.25 -16.88 1.22
CA HIS D 176 -11.42 -15.84 1.88
C HIS D 176 -11.71 -15.79 3.39
N ASP D 177 -12.45 -16.75 3.95
CA ASP D 177 -12.76 -16.79 5.41
C ASP D 177 -11.58 -17.45 6.13
N ILE D 178 -11.27 -17.01 7.34
CA ILE D 178 -10.25 -17.63 8.23
C ILE D 178 -10.90 -17.92 9.58
N PRO D 179 -11.96 -18.76 9.61
CA PRO D 179 -12.68 -19.01 10.86
C PRO D 179 -11.85 -19.93 11.78
N ILE D 180 -12.17 -19.90 13.07
CA ILE D 180 -11.63 -20.85 14.07
C ILE D 180 -12.82 -21.23 14.96
N ASP D 181 -12.70 -22.30 15.75
CA ASP D 181 -13.82 -22.82 16.56
C ASP D 181 -14.14 -21.82 17.67
N VAL D 182 -15.36 -21.89 18.21
CA VAL D 182 -15.87 -20.82 19.11
C VAL D 182 -15.08 -20.86 20.43
N GLU D 183 -14.79 -22.06 20.94
CA GLU D 183 -14.09 -22.24 22.24
C GLU D 183 -12.67 -21.64 22.14
N THR D 184 -11.98 -21.79 21.02
CA THR D 184 -10.60 -21.23 20.82
C THR D 184 -10.66 -19.69 20.89
N GLN D 185 -11.62 -19.07 20.20
CA GLN D 185 -11.73 -17.58 20.13
C GLN D 185 -12.11 -17.05 21.51
N ILE D 186 -12.96 -17.78 22.23
CA ILE D 186 -13.40 -17.40 23.61
C ILE D 186 -12.17 -17.43 24.51
N GLN D 187 -11.30 -18.45 24.39
CA GLN D 187 -10.06 -18.55 25.19
C GLN D 187 -9.16 -17.37 24.84
N TRP D 188 -9.12 -16.95 23.57
CA TRP D 188 -8.31 -15.77 23.13
C TRP D 188 -8.81 -14.50 23.82
N LEU D 189 -10.12 -14.36 24.09
CA LEU D 189 -10.65 -13.22 24.87
C LEU D 189 -10.05 -13.26 26.28
N ARG D 190 -10.04 -14.43 26.92
CA ARG D 190 -9.42 -14.62 28.26
C ARG D 190 -7.93 -14.25 28.18
N ASP D 191 -7.22 -14.73 27.16
CA ASP D 191 -5.77 -14.44 26.97
C ASP D 191 -5.56 -12.93 26.85
N ALA D 192 -6.51 -12.20 26.25
CA ALA D 192 -6.44 -10.74 26.02
C ALA D 192 -6.78 -9.97 27.29
N GLY D 193 -7.24 -10.65 28.34
CA GLY D 193 -7.46 -10.07 29.68
C GLY D 193 -8.93 -9.83 29.98
N PHE D 194 -9.85 -10.35 29.16
CA PHE D 194 -11.30 -10.39 29.52
C PHE D 194 -11.45 -11.43 30.64
N THR D 195 -12.07 -11.03 31.76
CA THR D 195 -12.09 -11.83 33.01
C THR D 195 -13.24 -12.84 32.97
N THR D 196 -14.27 -12.60 32.15
CA THR D 196 -15.36 -13.56 31.87
C THR D 196 -15.59 -13.59 30.37
N ALA D 197 -15.81 -14.77 29.80
CA ALA D 197 -16.17 -14.93 28.38
C ALA D 197 -17.08 -16.16 28.25
N ASP D 198 -18.06 -16.10 27.36
CA ASP D 198 -19.13 -17.13 27.27
C ASP D 198 -19.68 -17.18 25.85
N CYS D 199 -20.09 -18.37 25.42
CA CYS D 199 -20.94 -18.57 24.23
C CYS D 199 -22.40 -18.47 24.67
N LEU D 200 -23.11 -17.44 24.21
CA LEU D 200 -24.51 -17.14 24.61
C LEU D 200 -25.47 -17.98 23.78
N ALA D 201 -25.26 -18.04 22.46
CA ALA D 201 -26.15 -18.71 21.49
C ALA D 201 -25.34 -19.27 20.34
N LYS D 202 -25.82 -20.35 19.73
CA LYS D 202 -25.08 -21.06 18.66
C LYS D 202 -26.06 -21.86 17.81
N ASP D 203 -25.86 -21.82 16.50
CA ASP D 203 -26.54 -22.66 15.50
C ASP D 203 -25.44 -23.18 14.56
N TRP D 204 -24.76 -24.23 15.01
CA TRP D 204 -23.69 -24.95 14.26
C TRP D 204 -22.61 -23.93 13.85
N ARG D 205 -22.56 -23.50 12.59
CA ARG D 205 -21.46 -22.65 12.03
C ARG D 205 -21.52 -21.22 12.59
N PHE D 206 -22.65 -20.82 13.19
CA PHE D 206 -22.83 -19.41 13.63
C PHE D 206 -23.07 -19.35 15.13
N ALA D 207 -22.43 -18.37 15.79
CA ALA D 207 -22.46 -18.24 17.26
C ALA D 207 -22.36 -16.77 17.68
N THR D 208 -22.99 -16.46 18.81
CA THR D 208 -22.84 -15.16 19.51
C THR D 208 -22.09 -15.41 20.81
N TYR D 209 -20.94 -14.78 20.96
CA TYR D 209 -20.11 -14.90 22.19
C TYR D 209 -19.76 -13.49 22.66
N ALA D 210 -19.40 -13.40 23.94
CA ALA D 210 -19.10 -12.11 24.61
C ALA D 210 -17.97 -12.29 25.62
N GLY D 211 -17.23 -11.21 25.83
CA GLY D 211 -16.23 -11.06 26.91
C GLY D 211 -16.50 -9.79 27.70
N TRP D 212 -16.25 -9.84 29.00
CA TRP D 212 -16.41 -8.68 29.93
C TRP D 212 -15.03 -8.26 30.44
N ASN D 213 -14.80 -6.95 30.47
CA ASN D 213 -13.53 -6.33 30.93
C ASN D 213 -13.59 -6.07 32.45
N GLY D 214 -13.75 -7.11 33.25
CA GLY D 214 -13.77 -7.04 34.73
C GLY D 214 -15.19 -7.13 35.30
#